data_8TZQ
#
_entry.id   8TZQ
#
_cell.length_a   1.00
_cell.length_b   1.00
_cell.length_c   1.00
_cell.angle_alpha   90.00
_cell.angle_beta   90.00
_cell.angle_gamma   90.00
#
_symmetry.space_group_name_H-M   'P 1'
#
loop_
_entity.id
_entity.type
_entity.pdbx_description
1 polymer scFv16
2 polymer 'Guanine nucleotide-binding protein G(I)/G(S)/G(T) subunit beta-1'
3 polymer 'Guanine nucleotide-binding protein G(I)/G(S)/G(O) subunit gamma-2'
4 polymer 'D(2) dopamine receptor'
5 polymer 'Guanine nucleotide-binding protein G(o) subunit alpha'
6 non-polymer L-DOPAMINE
#
loop_
_entity_poly.entity_id
_entity_poly.type
_entity_poly.pdbx_seq_one_letter_code
_entity_poly.pdbx_strand_id
1 'polypeptide(L)'
;DVQLVESGGGLVQPGGSRKLSCSASGFAFSSFGMHWVRQAPEKGLEWVAYISSGSGTIYYADTVKGRFTISRDDPKNTLF
LQMTSLRSEDTAMYYCVRSIYYYGSSPFDFWGQGTTLTVSSGGGGSGGGGSGGGGSDIVMTQATSSVPVTPGESVSISCR
SSKSLLHSNGNTYLYWFLQRPGQSPQLLIYRMSNLASGVPDRFSGSGSGTAFTLTISRLEAEDVGVYYCMQHLEYPLTFG
AGTKLELKAAALEVLFQGPHHHHHHHH
;
E
2 'polypeptide(L)'
;MHHHHHHLEVLFQGPGSSGSELDQLRQEAEQLKNQIRDARKACADATLSQITNNIDPVGRIQMRTRRTLRGHLAKIYAMH
WGTDSRLLVSASQDGKLIIWDSYTTNKVHAIPLRSSWVMTCAYAPSGNYVACGGLDNICSIYNLKTREGNVRVSRELAGH
TGYLSCCRFLDDNQIVTSSGDTTCALWDIETGQQTTTFTGHTGDVMSLSLAPDTRLFVSGACDASAKLWDVREGMCRQTF
TGHESDINAICFFPNGNAFATGSDDATCRLFDLRADQELMTYSHDNIICGITSVSFSKSGRLLLAGYDDFNCNVWDALKA
DRAGVLAGHDNRVSCLGVTDDGMAVATGSWDSFLKIWN
;
A
3 'polypeptide(L)' MASNNTASIAQARKLVEQLKMEANIDRIKVSKAAADLMAYCEAHAKEDPLLTPVPASENPFREKKFFCAIL C
4 'polypeptide(L)'
;MDPLNLSWYDDDLERQNWSRPFNGSDGKADRPHYNYYATLLTLLIAVIVFGNVLVCMAVSREKALQTTTNYLIVSLAVAD
LLVATLVMPWVVYLEVVGEWKFSRIHCDIFVTLDVMMCTASILNLCAISIDRYTAVAMPMLYNTRYSSKRRVTVMISIVW
VLSFTISCPLLFGLNNADQNECIIANPAFVVYSSIVSFYVPFIVTLLVYIKIYIVLRRRRKRVNTKRSSRAFRAHLRAPL
KGNCTHPEDMKLCTVIMKSNGSFPVNRRRVEAARRAQELEMEMLSSTSPPERTRYSPIPPSHHQLTLPDPSHHGLHSTPD
SPAKPEKNGHAKDHPKIAKIFEIQTMPNGKTRTSLKTMSRRKLSQQKEKKATQMLAIVLGVFIICWLPFFITHILNIHCD
CNIPPVLYSAFTWLGYVNSAVNPIIYTTFNIEFRKAFLKILHC
;
R
5 'polypeptide(L)'
;MGCTLSAEERAALERSKAIEKNLKEDGISAAKDVKLLLLGAGESGESTIVKQMKIIHEDGFSGEDVKQYKPVVYSNTIQS
LAAIVRAMDTLGIEYGDKERKADAKMVCDVVSRMEDTEPFSAELLSAMMRLWGDSGIQECFNRSREYQLNDSAKYYLDSL
DRIGAADYQPTEQDILRTRVKTTGIVETHFTFKNLHFRLFDVGGQRSERKKWIHCFEDVTAIIFCVALSGYDQVLHEDET
TNRMHESLMLFDSICNNKFFIDTSIILFLNKKDLFGEKIKKSPLTICFPEYTGPNTYEDAAAYIQAQFESKNRSPNKEIY
CHMTCATDTNNIQVVFDAVTDIIIANNLRGCGLY
;
B
#
# COMPACT_ATOMS: atom_id res chain seq x y z
N VAL A 2 12.56 -30.97 4.89
CA VAL A 2 13.06 -31.53 6.13
C VAL A 2 13.94 -32.73 5.85
N GLN A 3 14.32 -32.90 4.59
CA GLN A 3 15.16 -34.02 4.17
C GLN A 3 16.06 -33.58 3.03
N LEU A 4 17.35 -33.85 3.17
CA LEU A 4 18.32 -33.60 2.11
C LEU A 4 19.09 -34.88 1.85
N VAL A 5 19.11 -35.32 0.59
CA VAL A 5 19.76 -36.56 0.21
C VAL A 5 20.87 -36.23 -0.78
N GLU A 6 22.11 -36.48 -0.39
CA GLU A 6 23.24 -36.24 -1.28
C GLU A 6 23.63 -37.51 -2.02
N SER A 7 24.26 -37.33 -3.17
CA SER A 7 24.71 -38.45 -3.99
C SER A 7 25.83 -37.98 -4.90
N GLY A 8 26.56 -38.95 -5.45
CA GLY A 8 27.56 -38.68 -6.46
C GLY A 8 29.00 -38.84 -6.02
N GLY A 9 29.25 -39.13 -4.75
CA GLY A 9 30.61 -39.28 -4.25
C GLY A 9 31.22 -40.62 -4.60
N GLY A 10 32.43 -40.83 -4.12
CA GLY A 10 33.18 -42.05 -4.36
C GLY A 10 34.61 -41.77 -4.75
N LEU A 11 35.21 -42.76 -5.40
CA LEU A 11 36.63 -42.73 -5.75
C LEU A 11 36.82 -42.14 -7.15
N VAL A 12 37.68 -41.14 -7.25
CA VAL A 12 38.01 -40.49 -8.52
C VAL A 12 39.53 -40.43 -8.66
N GLN A 13 40.02 -40.75 -9.85
CA GLN A 13 41.45 -40.68 -10.15
C GLN A 13 41.89 -39.22 -10.24
N PRO A 14 43.16 -38.94 -9.93
CA PRO A 14 43.64 -37.56 -9.95
C PRO A 14 43.47 -36.92 -11.32
N GLY A 15 43.11 -35.64 -11.32
CA GLY A 15 42.90 -34.91 -12.55
C GLY A 15 41.53 -35.08 -13.17
N GLY A 16 40.66 -35.89 -12.57
CA GLY A 16 39.35 -36.14 -13.11
C GLY A 16 38.33 -35.11 -12.67
N SER A 17 37.07 -35.40 -12.96
CA SER A 17 35.98 -34.51 -12.62
C SER A 17 34.81 -35.33 -12.09
N ARG A 18 34.05 -34.72 -11.18
CA ARG A 18 32.89 -35.36 -10.58
C ARG A 18 31.79 -34.33 -10.41
N LYS A 19 30.59 -34.82 -10.10
CA LYS A 19 29.42 -33.97 -9.92
C LYS A 19 28.59 -34.49 -8.76
N LEU A 20 28.67 -33.81 -7.62
CA LEU A 20 27.86 -34.14 -6.47
C LEU A 20 26.50 -33.47 -6.59
N SER A 21 25.47 -34.13 -6.10
CA SER A 21 24.11 -33.60 -6.20
C SER A 21 23.41 -33.76 -4.86
N CYS A 22 22.41 -32.90 -4.64
CA CYS A 22 21.61 -32.92 -3.43
C CYS A 22 20.15 -32.72 -3.79
N SER A 23 19.30 -33.65 -3.38
CA SER A 23 17.87 -33.57 -3.60
C SER A 23 17.19 -33.16 -2.30
N ALA A 24 16.29 -32.18 -2.39
CA ALA A 24 15.60 -31.63 -1.24
C ALA A 24 14.15 -32.10 -1.23
N SER A 25 13.66 -32.43 -0.03
CA SER A 25 12.28 -32.86 0.11
C SER A 25 11.73 -32.38 1.44
N GLY A 26 10.53 -31.78 1.39
CA GLY A 26 9.86 -31.39 2.61
C GLY A 26 10.01 -29.95 3.02
N PHE A 27 10.58 -29.10 2.16
CA PHE A 27 10.69 -27.68 2.49
C PHE A 27 10.78 -26.89 1.18
N ALA A 28 10.55 -25.58 1.30
CA ALA A 28 10.58 -24.67 0.16
C ALA A 28 12.03 -24.38 -0.22
N PHE A 29 12.59 -25.30 -1.02
CA PHE A 29 14.01 -25.23 -1.37
C PHE A 29 14.36 -23.93 -2.11
N SER A 30 13.39 -23.36 -2.83
CA SER A 30 13.67 -22.16 -3.60
C SER A 30 13.91 -20.94 -2.71
N SER A 31 13.51 -20.99 -1.45
CA SER A 31 13.68 -19.86 -0.55
C SER A 31 14.85 -20.02 0.41
N PHE A 32 15.67 -21.05 0.25
CA PHE A 32 16.78 -21.32 1.14
C PHE A 32 18.12 -21.17 0.40
N GLY A 33 19.08 -20.54 1.08
CA GLY A 33 20.45 -20.57 0.63
C GLY A 33 21.12 -21.89 0.99
N MET A 34 22.09 -22.27 0.17
CA MET A 34 22.72 -23.58 0.33
C MET A 34 24.21 -23.44 0.49
N HIS A 35 24.81 -24.34 1.28
CA HIS A 35 26.23 -24.37 1.51
C HIS A 35 26.75 -25.78 1.30
N TRP A 36 27.99 -25.87 0.83
CA TRP A 36 28.76 -27.11 0.82
C TRP A 36 29.92 -26.96 1.80
N VAL A 37 29.99 -27.88 2.76
CA VAL A 37 30.98 -27.84 3.82
C VAL A 37 31.74 -29.16 3.84
N ARG A 38 33.06 -29.07 3.89
CA ARG A 38 33.92 -30.24 3.80
C ARG A 38 34.45 -30.63 5.17
N GLN A 39 34.66 -31.94 5.35
CA GLN A 39 35.28 -32.46 6.56
C GLN A 39 36.29 -33.53 6.20
N ALA A 40 37.52 -33.35 6.67
CA ALA A 40 38.58 -34.31 6.48
C ALA A 40 38.87 -34.97 7.82
N PRO A 41 39.33 -36.22 7.82
CA PRO A 41 39.61 -36.89 9.11
C PRO A 41 40.60 -36.15 10.00
N GLU A 42 41.61 -35.51 9.41
CA GLU A 42 42.67 -34.87 10.17
C GLU A 42 42.57 -33.35 10.19
N LYS A 43 41.50 -32.77 9.65
CA LYS A 43 41.40 -31.33 9.53
C LYS A 43 40.19 -30.73 10.25
N GLY A 44 39.16 -31.51 10.53
CA GLY A 44 37.93 -30.93 11.03
C GLY A 44 37.04 -30.48 9.88
N LEU A 45 36.28 -29.42 10.14
CA LEU A 45 35.35 -28.90 9.15
C LEU A 45 35.99 -27.74 8.37
N GLU A 46 35.67 -27.67 7.08
CA GLU A 46 36.17 -26.62 6.20
C GLU A 46 35.09 -26.25 5.21
N TRP A 47 34.72 -24.97 5.19
CA TRP A 47 33.68 -24.50 4.28
C TRP A 47 34.18 -24.51 2.85
N VAL A 48 33.37 -25.07 1.95
CA VAL A 48 33.70 -25.16 0.54
C VAL A 48 33.07 -24.04 -0.26
N ALA A 49 31.74 -23.92 -0.21
CA ALA A 49 31.10 -22.93 -1.07
C ALA A 49 29.71 -22.58 -0.56
N TYR A 50 29.17 -21.50 -1.12
CA TYR A 50 27.86 -20.99 -0.75
C TYR A 50 27.15 -20.43 -1.98
N ILE A 51 25.84 -20.71 -2.08
CA ILE A 51 24.98 -20.21 -3.14
C ILE A 51 23.74 -19.60 -2.50
N SER A 52 23.28 -18.48 -3.06
CA SER A 52 22.19 -17.72 -2.46
C SER A 52 20.85 -18.32 -2.82
N SER A 53 19.77 -17.64 -2.39
CA SER A 53 18.41 -18.14 -2.58
C SER A 53 18.04 -18.27 -4.05
N GLY A 54 18.52 -17.36 -4.90
CA GLY A 54 18.30 -17.47 -6.33
C GLY A 54 19.55 -17.94 -7.04
N SER A 55 20.02 -17.16 -8.01
CA SER A 55 21.29 -17.41 -8.67
C SER A 55 22.24 -16.22 -8.55
N GLY A 56 22.27 -15.58 -7.38
CA GLY A 56 23.05 -14.37 -7.19
C GLY A 56 24.42 -14.61 -6.60
N THR A 57 24.60 -14.24 -5.34
CA THR A 57 25.91 -14.33 -4.71
C THR A 57 26.39 -15.77 -4.61
N ILE A 58 27.50 -16.05 -5.29
CA ILE A 58 28.17 -17.35 -5.22
C ILE A 58 29.55 -17.13 -4.62
N TYR A 59 29.86 -17.86 -3.54
CA TYR A 59 31.11 -17.69 -2.83
C TYR A 59 31.86 -19.02 -2.76
N TYR A 60 33.18 -18.95 -2.93
CA TYR A 60 34.04 -20.12 -2.86
C TYR A 60 35.19 -19.85 -1.90
N ALA A 61 35.72 -20.93 -1.33
CA ALA A 61 36.88 -20.81 -0.46
C ALA A 61 38.14 -20.57 -1.29
N ASP A 62 39.16 -20.01 -0.65
CA ASP A 62 40.40 -19.70 -1.36
C ASP A 62 41.15 -20.95 -1.81
N THR A 63 40.92 -22.09 -1.15
CA THR A 63 41.59 -23.33 -1.54
C THR A 63 40.89 -24.03 -2.70
N VAL A 64 39.68 -23.61 -3.04
CA VAL A 64 38.92 -24.24 -4.11
C VAL A 64 38.36 -23.26 -5.13
N LYS A 65 38.59 -21.96 -4.98
CA LYS A 65 37.99 -20.98 -5.88
C LYS A 65 38.51 -21.16 -7.30
N GLY A 66 37.61 -21.08 -8.26
CA GLY A 66 37.95 -21.25 -9.66
C GLY A 66 38.07 -22.70 -10.10
N ARG A 67 37.88 -23.66 -9.18
CA ARG A 67 37.96 -25.07 -9.50
C ARG A 67 36.63 -25.80 -9.38
N PHE A 68 35.74 -25.33 -8.51
CA PHE A 68 34.42 -25.90 -8.33
C PHE A 68 33.37 -24.95 -8.90
N THR A 69 32.18 -25.48 -9.17
CA THR A 69 31.07 -24.68 -9.66
C THR A 69 29.77 -25.17 -9.06
N ILE A 70 28.98 -24.26 -8.49
CA ILE A 70 27.71 -24.60 -7.88
C ILE A 70 26.58 -24.21 -8.83
N SER A 71 25.65 -25.12 -9.05
CA SER A 71 24.48 -24.89 -9.88
C SER A 71 23.22 -25.27 -9.09
N ARG A 72 22.10 -24.67 -9.48
CA ARG A 72 20.85 -24.84 -8.75
C ARG A 72 19.73 -25.13 -9.73
N ASP A 73 18.73 -25.90 -9.30
CA ASP A 73 17.55 -26.19 -10.09
C ASP A 73 16.35 -26.18 -9.14
N ASP A 74 15.69 -25.03 -9.05
CA ASP A 74 14.54 -24.84 -8.17
C ASP A 74 13.34 -25.72 -8.55
N PRO A 75 12.95 -25.81 -9.83
CA PRO A 75 11.80 -26.66 -10.17
C PRO A 75 11.95 -28.10 -9.73
N LYS A 76 13.15 -28.67 -9.83
CA LYS A 76 13.39 -30.04 -9.37
C LYS A 76 13.98 -30.09 -7.97
N ASN A 77 14.20 -28.93 -7.34
CA ASN A 77 14.76 -28.85 -5.99
C ASN A 77 16.06 -29.64 -5.88
N THR A 78 16.98 -29.39 -6.81
CA THR A 78 18.24 -30.13 -6.87
C THR A 78 19.41 -29.18 -6.96
N LEU A 79 20.41 -29.40 -6.10
CA LEU A 79 21.63 -28.62 -6.10
C LEU A 79 22.78 -29.46 -6.64
N PHE A 80 23.72 -28.82 -7.35
CA PHE A 80 24.83 -29.51 -7.97
C PHE A 80 26.14 -28.81 -7.64
N LEU A 81 27.17 -29.61 -7.40
CA LEU A 81 28.55 -29.13 -7.27
C LEU A 81 29.41 -29.90 -8.27
N GLN A 82 29.86 -29.19 -9.31
CA GLN A 82 30.72 -29.77 -10.34
C GLN A 82 32.17 -29.46 -9.97
N MET A 83 32.99 -30.50 -9.88
CA MET A 83 34.37 -30.39 -9.45
C MET A 83 35.27 -30.92 -10.56
N THR A 84 36.33 -30.19 -10.88
CA THR A 84 37.26 -30.56 -11.94
C THR A 84 38.69 -30.54 -11.40
N SER A 85 39.50 -31.44 -11.93
CA SER A 85 40.92 -31.54 -11.58
C SER A 85 41.11 -31.72 -10.07
N LEU A 86 40.61 -32.84 -9.57
CA LEU A 86 40.73 -33.14 -8.15
C LEU A 86 42.10 -33.72 -7.82
N ARG A 87 42.52 -33.51 -6.59
CA ARG A 87 43.80 -33.99 -6.08
C ARG A 87 43.58 -34.71 -4.76
N SER A 88 44.68 -35.17 -4.16
CA SER A 88 44.60 -35.80 -2.85
C SER A 88 44.11 -34.86 -1.77
N GLU A 89 44.21 -33.54 -2.00
CA GLU A 89 43.71 -32.57 -1.04
C GLU A 89 42.19 -32.58 -0.97
N ASP A 90 41.50 -32.86 -2.06
CA ASP A 90 40.05 -32.84 -2.11
C ASP A 90 39.42 -34.14 -1.64
N THR A 91 40.14 -34.95 -0.87
CA THR A 91 39.57 -36.16 -0.30
C THR A 91 38.95 -35.84 1.06
N ALA A 92 37.62 -35.91 1.14
CA ALA A 92 36.90 -35.55 2.35
C ALA A 92 35.43 -35.91 2.19
N MET A 93 34.63 -35.56 3.19
CA MET A 93 33.20 -35.76 3.15
C MET A 93 32.49 -34.41 3.00
N TYR A 94 31.55 -34.35 2.06
CA TYR A 94 30.84 -33.12 1.74
C TYR A 94 29.45 -33.14 2.34
N TYR A 95 29.06 -32.04 2.99
CA TYR A 95 27.76 -31.90 3.62
C TYR A 95 27.04 -30.71 3.03
N CYS A 96 25.78 -30.92 2.66
CA CYS A 96 24.92 -29.86 2.14
C CYS A 96 24.16 -29.26 3.31
N VAL A 97 24.36 -27.97 3.55
CA VAL A 97 23.82 -27.28 4.69
C VAL A 97 22.78 -26.28 4.20
N ARG A 98 21.59 -26.33 4.79
CA ARG A 98 20.53 -25.39 4.50
C ARG A 98 20.73 -24.14 5.35
N SER A 99 20.35 -22.98 4.82
CA SER A 99 20.54 -21.74 5.57
C SER A 99 19.61 -20.66 5.02
N ILE A 100 18.69 -20.18 5.86
CA ILE A 100 17.78 -19.11 5.49
C ILE A 100 18.16 -17.87 6.29
N TYR A 101 18.16 -16.72 5.62
CA TYR A 101 18.63 -15.48 6.22
C TYR A 101 17.51 -14.47 6.25
N TYR A 102 17.08 -14.10 7.46
CA TYR A 102 16.21 -12.96 7.71
C TYR A 102 16.30 -12.67 9.21
N TYR A 103 15.64 -11.60 9.63
CA TYR A 103 15.69 -11.23 11.03
C TYR A 103 15.05 -12.31 11.89
N GLY A 104 15.84 -12.85 12.82
CA GLY A 104 15.37 -13.92 13.68
C GLY A 104 15.59 -15.31 13.13
N SER A 105 16.25 -15.44 11.98
CA SER A 105 16.44 -16.75 11.38
C SER A 105 17.51 -17.54 12.13
N SER A 106 17.58 -18.83 11.83
CA SER A 106 18.56 -19.73 12.44
C SER A 106 19.32 -20.45 11.34
N PRO A 107 20.35 -19.80 10.78
CA PRO A 107 21.10 -20.41 9.68
C PRO A 107 21.84 -21.65 10.13
N PHE A 108 22.14 -22.51 9.14
CA PHE A 108 22.82 -23.78 9.36
C PHE A 108 22.02 -24.69 10.28
N ASP A 109 20.71 -24.77 10.07
CA ASP A 109 19.85 -25.52 10.99
C ASP A 109 19.77 -27.00 10.62
N PHE A 110 19.59 -27.31 9.34
CA PHE A 110 19.43 -28.69 8.90
C PHE A 110 20.62 -29.07 8.02
N TRP A 111 21.25 -30.20 8.34
CA TRP A 111 22.38 -30.72 7.61
C TRP A 111 22.03 -32.07 6.99
N GLY A 112 22.35 -32.22 5.71
CA GLY A 112 22.21 -33.50 5.07
C GLY A 112 23.26 -34.48 5.54
N GLN A 113 23.11 -35.72 5.09
CA GLN A 113 24.04 -36.77 5.51
C GLN A 113 25.41 -36.57 4.87
N GLY A 114 25.45 -36.04 3.66
CA GLY A 114 26.70 -35.82 2.95
C GLY A 114 27.21 -37.07 2.26
N THR A 115 28.20 -36.88 1.41
CA THR A 115 28.79 -37.97 0.64
C THR A 115 30.31 -37.91 0.77
N THR A 116 30.92 -39.09 0.87
CA THR A 116 32.37 -39.21 1.05
C THR A 116 33.04 -39.41 -0.30
N LEU A 117 34.06 -38.60 -0.58
CA LEU A 117 34.79 -38.67 -1.83
C LEU A 117 36.29 -38.79 -1.53
N THR A 118 36.94 -39.76 -2.15
CA THR A 118 38.36 -40.01 -1.96
C THR A 118 39.06 -39.95 -3.31
N VAL A 119 40.29 -39.48 -3.29
CA VAL A 119 41.10 -39.38 -4.51
C VAL A 119 42.36 -40.21 -4.38
N ASP A 137 40.16 -15.36 6.42
CA ASP A 137 41.29 -14.65 7.00
C ASP A 137 41.20 -14.58 8.51
N ILE A 138 40.03 -14.95 9.04
CA ILE A 138 39.80 -14.99 10.49
C ILE A 138 40.13 -16.39 10.99
N VAL A 139 40.98 -16.46 12.01
CA VAL A 139 41.45 -17.73 12.55
C VAL A 139 40.71 -18.03 13.84
N MET A 140 40.05 -19.18 13.88
CA MET A 140 39.36 -19.65 15.07
C MET A 140 40.17 -20.77 15.71
N THR A 141 40.44 -20.65 17.01
CA THR A 141 41.32 -21.57 17.72
C THR A 141 40.56 -22.24 18.85
N GLN A 142 40.66 -23.56 18.91
CA GLN A 142 40.10 -24.33 20.03
C GLN A 142 41.17 -24.57 21.07
N ALA A 143 40.85 -24.23 22.33
CA ALA A 143 41.84 -24.31 23.39
C ALA A 143 42.31 -25.75 23.63
N THR A 144 41.38 -26.70 23.62
CA THR A 144 41.71 -28.09 23.92
C THR A 144 41.09 -29.00 22.86
N SER A 145 41.79 -30.10 22.58
CA SER A 145 41.29 -31.08 21.63
C SER A 145 40.39 -32.12 22.28
N SER A 146 40.52 -32.33 23.58
CA SER A 146 39.67 -33.28 24.30
C SER A 146 39.53 -32.81 25.74
N VAL A 147 38.47 -33.27 26.39
CA VAL A 147 38.18 -32.93 27.78
C VAL A 147 37.70 -34.19 28.49
N PRO A 148 38.40 -34.66 29.52
CA PRO A 148 37.90 -35.82 30.28
C PRO A 148 36.64 -35.45 31.05
N VAL A 149 35.56 -36.18 30.78
CA VAL A 149 34.25 -35.85 31.32
C VAL A 149 33.62 -37.10 31.90
N THR A 150 32.65 -36.89 32.79
CA THR A 150 31.83 -37.95 33.36
C THR A 150 30.36 -37.57 33.27
N PRO A 151 29.48 -38.55 33.12
CA PRO A 151 28.04 -38.24 33.02
C PRO A 151 27.54 -37.56 34.28
N GLY A 152 26.62 -36.63 34.10
CA GLY A 152 26.00 -35.90 35.20
C GLY A 152 26.76 -34.68 35.67
N GLU A 153 27.82 -34.27 34.98
CA GLU A 153 28.60 -33.11 35.38
C GLU A 153 28.50 -31.99 34.36
N SER A 154 28.79 -30.77 34.81
CA SER A 154 28.79 -29.62 33.94
C SER A 154 30.18 -29.38 33.37
N VAL A 155 30.22 -29.00 32.10
CA VAL A 155 31.49 -28.81 31.39
C VAL A 155 31.46 -27.49 30.64
N SER A 156 32.66 -27.02 30.28
CA SER A 156 32.85 -25.74 29.60
C SER A 156 33.86 -25.92 28.48
N ILE A 157 33.54 -25.43 27.30
CA ILE A 157 34.40 -25.51 26.12
C ILE A 157 34.70 -24.08 25.67
N SER A 158 35.97 -23.77 25.46
CA SER A 158 36.40 -22.41 25.16
C SER A 158 36.96 -22.33 23.75
N CYS A 159 36.66 -21.21 23.09
CA CYS A 159 37.18 -20.94 21.75
C CYS A 159 37.63 -19.49 21.68
N ARG A 160 38.59 -19.23 20.79
CA ARG A 160 39.16 -17.91 20.62
C ARG A 160 39.10 -17.52 19.14
N SER A 161 38.99 -16.22 18.89
CA SER A 161 38.97 -15.68 17.55
C SER A 161 40.12 -14.72 17.34
N SER A 162 40.55 -14.58 16.08
CA SER A 162 41.63 -13.67 15.74
C SER A 162 41.18 -12.22 15.77
N LYS A 163 39.90 -11.95 15.56
CA LYS A 163 39.37 -10.60 15.59
C LYS A 163 37.96 -10.64 16.14
N SER A 164 37.50 -9.49 16.63
CA SER A 164 36.19 -9.42 17.27
C SER A 164 35.09 -9.71 16.28
N LEU A 165 34.18 -10.61 16.64
CA LEU A 165 33.04 -10.98 15.82
C LEU A 165 31.80 -10.18 16.16
N LEU A 166 31.88 -9.30 17.15
CA LEU A 166 30.75 -8.46 17.54
C LEU A 166 30.64 -7.30 16.57
N HIS A 167 29.69 -7.39 15.63
CA HIS A 167 29.46 -6.33 14.67
C HIS A 167 28.81 -5.14 15.37
N SER A 168 28.81 -4.00 14.66
CA SER A 168 28.27 -2.76 15.23
C SER A 168 26.81 -2.88 15.61
N ASN A 169 26.06 -3.78 14.97
CA ASN A 169 24.63 -3.90 15.23
C ASN A 169 24.32 -4.78 16.45
N GLY A 170 25.33 -5.20 17.21
CA GLY A 170 25.13 -5.96 18.42
C GLY A 170 25.15 -7.47 18.24
N ASN A 171 25.19 -7.96 17.01
CA ASN A 171 25.24 -9.40 16.76
C ASN A 171 26.67 -9.91 16.87
N THR A 172 26.82 -11.10 17.46
CA THR A 172 28.10 -11.79 17.52
C THR A 172 27.98 -13.08 16.72
N TYR A 173 28.48 -13.06 15.48
CA TYR A 173 28.27 -14.16 14.54
C TYR A 173 29.24 -15.30 14.85
N LEU A 174 28.88 -16.07 15.88
CA LEU A 174 29.61 -17.27 16.24
C LEU A 174 28.60 -18.41 16.39
N TYR A 175 28.96 -19.58 15.88
CA TYR A 175 28.06 -20.73 15.85
C TYR A 175 28.73 -21.92 16.51
N TRP A 176 27.95 -22.66 17.30
CA TRP A 176 28.38 -23.91 17.92
C TRP A 176 27.54 -25.05 17.37
N PHE A 177 28.21 -26.04 16.79
CA PHE A 177 27.59 -27.23 16.22
C PHE A 177 28.07 -28.47 16.96
N LEU A 178 27.28 -29.54 16.87
CA LEU A 178 27.60 -30.82 17.51
C LEU A 178 27.59 -31.93 16.47
N GLN A 179 28.59 -32.80 16.53
CA GLN A 179 28.67 -33.96 15.66
C GLN A 179 28.96 -35.19 16.51
N ARG A 180 27.99 -36.08 16.62
CA ARG A 180 28.12 -37.35 17.30
C ARG A 180 28.68 -38.39 16.35
N PRO A 181 29.27 -39.47 16.88
CA PRO A 181 29.85 -40.49 15.99
C PRO A 181 28.82 -41.07 15.04
N GLY A 182 29.09 -40.92 13.75
CA GLY A 182 28.20 -41.42 12.72
C GLY A 182 27.02 -40.53 12.38
N GLN A 183 27.02 -39.28 12.82
CA GLN A 183 25.93 -38.36 12.56
C GLN A 183 26.43 -37.10 11.87
N SER A 184 25.55 -36.48 11.09
CA SER A 184 25.83 -35.18 10.53
C SER A 184 25.62 -34.08 11.57
N PRO A 185 26.39 -33.00 11.49
CA PRO A 185 26.29 -31.97 12.53
C PRO A 185 24.91 -31.36 12.62
N GLN A 186 24.50 -31.02 13.84
CA GLN A 186 23.27 -30.33 14.10
C GLN A 186 23.57 -29.04 14.86
N LEU A 187 22.76 -28.02 14.60
CA LEU A 187 23.01 -26.71 15.18
C LEU A 187 22.64 -26.70 16.67
N LEU A 188 23.58 -26.24 17.48
CA LEU A 188 23.36 -26.07 18.91
C LEU A 188 23.10 -24.62 19.28
N ILE A 189 24.02 -23.72 18.94
CA ILE A 189 23.91 -22.32 19.28
C ILE A 189 24.24 -21.47 18.07
N TYR A 190 23.39 -20.51 17.77
CA TYR A 190 23.67 -19.53 16.73
C TYR A 190 23.74 -18.14 17.35
N ARG A 191 24.80 -17.42 16.99
CA ARG A 191 25.09 -16.06 17.46
C ARG A 191 25.41 -16.01 18.96
N MET A 192 26.06 -17.06 19.46
CA MET A 192 26.75 -17.09 20.75
C MET A 192 25.82 -17.09 21.96
N SER A 193 24.53 -16.86 21.77
CA SER A 193 23.59 -16.85 22.88
C SER A 193 22.32 -17.65 22.64
N ASN A 194 21.89 -17.80 21.39
CA ASN A 194 20.60 -18.40 21.08
C ASN A 194 20.69 -19.91 21.02
N LEU A 195 19.55 -20.56 21.23
CA LEU A 195 19.46 -22.01 21.23
C LEU A 195 18.60 -22.47 20.06
N ALA A 196 19.13 -23.40 19.26
CA ALA A 196 18.43 -23.86 18.08
C ALA A 196 17.22 -24.70 18.46
N SER A 197 16.29 -24.84 17.51
CA SER A 197 15.07 -25.60 17.75
C SER A 197 15.39 -27.09 17.90
N GLY A 198 14.75 -27.72 18.87
CA GLY A 198 14.95 -29.13 19.15
C GLY A 198 16.05 -29.45 20.11
N VAL A 199 16.86 -28.46 20.51
CA VAL A 199 17.96 -28.65 21.45
C VAL A 199 17.47 -28.25 22.83
N PRO A 200 17.61 -29.10 23.84
CA PRO A 200 17.12 -28.76 25.18
C PRO A 200 17.90 -27.60 25.79
N ASP A 201 17.30 -27.04 26.85
CA ASP A 201 17.89 -25.90 27.56
C ASP A 201 19.16 -26.27 28.32
N ARG A 202 19.62 -27.52 28.18
CA ARG A 202 20.84 -27.96 28.84
C ARG A 202 22.06 -27.19 28.35
N PHE A 203 22.13 -26.89 27.06
CA PHE A 203 23.26 -26.18 26.48
C PHE A 203 23.07 -24.67 26.62
N SER A 204 24.16 -23.94 26.81
CA SER A 204 24.13 -22.49 26.87
C SER A 204 25.46 -21.95 26.38
N GLY A 205 25.52 -20.66 26.10
CA GLY A 205 26.73 -20.06 25.60
C GLY A 205 26.86 -18.63 26.07
N SER A 206 28.10 -18.18 26.15
CA SER A 206 28.40 -16.81 26.56
C SER A 206 29.79 -16.44 26.06
N GLY A 207 30.21 -15.24 26.41
CA GLY A 207 31.52 -14.76 26.01
C GLY A 207 31.43 -13.33 25.54
N SER A 208 32.59 -12.82 25.11
CA SER A 208 32.66 -11.46 24.62
C SER A 208 33.88 -11.30 23.73
N GLY A 209 33.80 -10.30 22.85
CA GLY A 209 34.95 -9.95 22.02
C GLY A 209 35.39 -11.10 21.15
N THR A 210 36.56 -11.67 21.49
CA THR A 210 37.14 -12.76 20.74
C THR A 210 37.15 -14.07 21.52
N ALA A 211 36.68 -14.08 22.76
CA ALA A 211 36.73 -15.26 23.62
C ALA A 211 35.31 -15.71 23.92
N PHE A 212 34.99 -16.97 23.62
CA PHE A 212 33.65 -17.50 23.80
C PHE A 212 33.71 -18.83 24.53
N THR A 213 32.61 -19.15 25.23
CA THR A 213 32.53 -20.34 26.05
C THR A 213 31.14 -20.96 25.97
N LEU A 214 31.11 -22.25 25.68
CA LEU A 214 29.87 -23.04 25.66
C LEU A 214 29.81 -23.86 26.95
N THR A 215 28.70 -23.74 27.67
CA THR A 215 28.52 -24.40 28.95
C THR A 215 27.42 -25.45 28.84
N ILE A 216 27.74 -26.68 29.22
CA ILE A 216 26.77 -27.77 29.29
C ILE A 216 26.50 -28.02 30.76
N SER A 217 25.26 -27.79 31.18
CA SER A 217 24.94 -27.86 32.61
C SER A 217 24.88 -29.29 33.11
N ARG A 218 24.34 -30.22 32.32
CA ARG A 218 24.21 -31.60 32.75
C ARG A 218 24.58 -32.49 31.58
N LEU A 219 25.63 -33.29 31.76
CA LEU A 219 26.15 -34.13 30.69
C LEU A 219 25.38 -35.45 30.65
N GLU A 220 24.91 -35.80 29.47
CA GLU A 220 24.22 -37.06 29.24
C GLU A 220 25.00 -37.90 28.23
N ALA A 221 24.49 -39.10 27.95
CA ALA A 221 25.18 -39.99 27.02
C ALA A 221 25.13 -39.46 25.60
N GLU A 222 24.14 -38.63 25.27
CA GLU A 222 24.00 -38.12 23.92
C GLU A 222 24.90 -36.92 23.64
N ASP A 223 25.61 -36.41 24.63
CA ASP A 223 26.47 -35.24 24.45
C ASP A 223 27.89 -35.59 24.07
N VAL A 224 28.23 -36.88 23.98
CA VAL A 224 29.57 -37.30 23.61
C VAL A 224 29.77 -37.08 22.11
N GLY A 225 30.85 -36.42 21.75
CA GLY A 225 31.11 -36.12 20.35
C GLY A 225 31.97 -34.88 20.22
N VAL A 226 32.02 -34.35 19.00
CA VAL A 226 32.90 -33.22 18.67
C VAL A 226 32.06 -31.97 18.50
N TYR A 227 32.44 -30.91 19.19
CA TYR A 227 31.77 -29.62 19.11
C TYR A 227 32.63 -28.65 18.30
N TYR A 228 32.01 -27.99 17.34
CA TYR A 228 32.69 -27.15 16.37
C TYR A 228 32.22 -25.71 16.49
N CYS A 229 33.14 -24.78 16.24
CA CYS A 229 32.86 -23.36 16.24
C CYS A 229 33.03 -22.79 14.84
N MET A 230 32.09 -21.92 14.44
CA MET A 230 32.08 -21.35 13.10
C MET A 230 31.93 -19.84 13.19
N GLN A 231 32.68 -19.14 12.35
CA GLN A 231 32.55 -17.70 12.21
C GLN A 231 31.76 -17.39 10.94
N HIS A 232 30.82 -16.46 11.03
CA HIS A 232 29.99 -16.08 9.89
C HIS A 232 29.89 -14.56 9.79
N LEU A 233 31.01 -13.88 10.01
CA LEU A 233 31.08 -12.43 9.88
C LEU A 233 31.39 -11.99 8.46
N GLU A 234 32.33 -12.65 7.79
CA GLU A 234 32.65 -12.37 6.41
C GLU A 234 33.31 -13.59 5.80
N TYR A 235 32.99 -13.86 4.56
CA TYR A 235 33.54 -15.02 3.90
C TYR A 235 35.04 -14.85 3.65
N PRO A 236 35.83 -15.92 3.72
CA PRO A 236 35.45 -17.32 3.98
C PRO A 236 35.09 -17.60 5.44
N LEU A 237 34.28 -18.63 5.67
CA LEU A 237 33.89 -19.03 7.01
C LEU A 237 34.88 -20.08 7.50
N THR A 238 35.44 -19.84 8.69
CA THR A 238 36.50 -20.70 9.23
C THR A 238 35.98 -21.47 10.44
N PHE A 239 36.24 -22.77 10.44
CA PHE A 239 35.90 -23.66 11.55
C PHE A 239 37.13 -23.91 12.40
N GLY A 240 36.90 -24.17 13.68
CA GLY A 240 37.97 -24.54 14.56
C GLY A 240 38.33 -26.01 14.45
N ALA A 241 39.33 -26.41 15.24
CA ALA A 241 39.73 -27.81 15.25
C ALA A 241 38.61 -28.71 15.74
N GLY A 242 37.88 -28.28 16.75
CA GLY A 242 36.78 -29.04 17.31
C GLY A 242 37.19 -29.70 18.62
N THR A 243 36.35 -29.56 19.64
CA THR A 243 36.62 -30.09 20.96
C THR A 243 35.87 -31.41 21.12
N LYS A 244 36.60 -32.47 21.44
CA LYS A 244 36.02 -33.80 21.51
C LYS A 244 35.74 -34.16 22.97
N LEU A 245 34.46 -34.18 23.35
CA LEU A 245 34.03 -34.61 24.66
C LEU A 245 33.78 -36.11 24.61
N GLU A 246 34.53 -36.86 25.42
CA GLU A 246 34.45 -38.31 25.46
C GLU A 246 34.49 -38.76 26.92
N LEU A 247 33.67 -39.75 27.24
CA LEU A 247 33.59 -40.27 28.61
C LEU A 247 34.92 -40.88 29.05
N SER B 20 -48.92 -6.43 29.33
CA SER B 20 -48.55 -5.36 30.26
C SER B 20 -47.17 -5.64 30.87
N GLU B 21 -46.72 -6.89 30.76
CA GLU B 21 -45.41 -7.25 31.29
C GLU B 21 -44.30 -6.49 30.58
N LEU B 22 -44.42 -6.33 29.25
CA LEU B 22 -43.40 -5.59 28.51
C LEU B 22 -43.31 -4.15 28.95
N ASP B 23 -44.45 -3.50 29.20
CA ASP B 23 -44.44 -2.13 29.68
C ASP B 23 -43.79 -2.03 31.06
N GLN B 24 -44.09 -2.98 31.95
CA GLN B 24 -43.46 -2.97 33.26
C GLN B 24 -41.95 -3.17 33.17
N LEU B 25 -41.51 -4.07 32.30
CA LEU B 25 -40.07 -4.29 32.12
C LEU B 25 -39.40 -3.06 31.54
N ARG B 26 -40.04 -2.39 30.59
CA ARG B 26 -39.46 -1.17 30.04
C ARG B 26 -39.40 -0.07 31.08
N GLN B 27 -40.43 0.09 31.91
CA GLN B 27 -40.38 1.07 32.98
C GLN B 27 -39.27 0.73 33.97
N GLU B 28 -39.09 -0.55 34.30
CA GLU B 28 -38.02 -0.95 35.19
C GLU B 28 -36.65 -0.64 34.58
N ALA B 29 -36.50 -0.87 33.28
CA ALA B 29 -35.24 -0.54 32.61
C ALA B 29 -34.97 0.95 32.64
N GLU B 30 -36.01 1.77 32.43
CA GLU B 30 -35.84 3.21 32.51
C GLU B 30 -35.45 3.65 33.91
N GLN B 31 -36.07 3.05 34.92
CA GLN B 31 -35.71 3.37 36.30
C GLN B 31 -34.28 2.97 36.61
N LEU B 32 -33.84 1.81 36.11
CA LEU B 32 -32.46 1.38 36.31
C LEU B 32 -31.49 2.33 35.63
N LYS B 33 -31.81 2.79 34.41
CA LYS B 33 -30.95 3.74 33.73
C LYS B 33 -30.87 5.06 34.49
N ASN B 34 -32.01 5.52 35.02
CA ASN B 34 -32.00 6.73 35.83
C ASN B 34 -31.15 6.55 37.09
N GLN B 35 -31.24 5.39 37.72
CA GLN B 35 -30.41 5.11 38.89
C GLN B 35 -28.93 5.10 38.53
N ILE B 36 -28.60 4.53 37.36
CA ILE B 36 -27.21 4.52 36.91
C ILE B 36 -26.71 5.95 36.69
N ARG B 37 -27.54 6.78 36.06
CA ARG B 37 -27.17 8.19 35.87
C ARG B 37 -26.96 8.90 37.19
N ASP B 38 -27.85 8.67 38.16
CA ASP B 38 -27.72 9.31 39.47
C ASP B 38 -26.45 8.85 40.16
N ALA B 39 -26.13 7.56 40.08
CA ALA B 39 -24.90 7.05 40.68
C ALA B 39 -23.67 7.67 40.02
N ARG B 40 -23.69 7.83 38.70
CA ARG B 40 -22.56 8.44 38.00
C ARG B 40 -22.42 9.92 38.34
N LYS B 41 -23.55 10.60 38.58
CA LYS B 41 -23.48 12.02 38.92
C LYS B 41 -22.76 12.25 40.24
N ALA B 42 -23.04 11.42 41.25
CA ALA B 42 -22.45 11.61 42.57
C ALA B 42 -20.93 11.42 42.56
N CYS B 43 -20.40 10.62 41.65
CA CYS B 43 -18.97 10.39 41.57
C CYS B 43 -18.21 11.51 40.87
N ALA B 44 -18.92 12.41 40.17
CA ALA B 44 -18.28 13.49 39.43
C ALA B 44 -18.03 14.68 40.35
N ASP B 45 -17.05 14.51 41.23
CA ASP B 45 -16.62 15.57 42.14
C ASP B 45 -15.50 16.41 41.55
N ALA B 46 -15.06 16.11 40.33
CA ALA B 46 -14.00 16.86 39.67
C ALA B 46 -13.97 16.44 38.21
N THR B 47 -12.95 16.92 37.49
CA THR B 47 -12.71 16.52 36.12
C THR B 47 -11.22 16.55 35.86
N LEU B 48 -10.80 15.82 34.82
CA LEU B 48 -9.38 15.67 34.54
C LEU B 48 -8.73 17.02 34.22
N SER B 49 -9.40 17.86 33.43
CA SER B 49 -8.82 19.12 33.02
C SER B 49 -8.62 20.08 34.19
N GLN B 50 -9.39 19.94 35.27
CA GLN B 50 -9.22 20.79 36.44
C GLN B 50 -8.14 20.26 37.38
N ILE B 51 -8.11 18.95 37.61
CA ILE B 51 -7.11 18.38 38.51
C ILE B 51 -5.71 18.48 37.88
N THR B 52 -5.61 18.28 36.57
CA THR B 52 -4.33 18.33 35.90
C THR B 52 -3.85 19.74 35.60
N ASN B 53 -4.43 20.76 36.23
CA ASN B 53 -4.02 22.14 36.01
C ASN B 53 -2.75 22.51 36.77
N ASN B 54 -2.24 21.62 37.61
CA ASN B 54 -1.06 21.91 38.42
C ASN B 54 0.23 21.39 37.80
N ILE B 55 0.19 20.85 36.59
CA ILE B 55 1.37 20.29 35.96
C ILE B 55 1.72 21.09 34.72
N ASP B 56 3.00 21.20 34.43
CA ASP B 56 3.47 21.95 33.28
C ASP B 56 3.17 21.19 32.00
N PRO B 57 2.95 21.90 30.89
CA PRO B 57 2.71 21.22 29.62
C PRO B 57 3.98 20.59 29.07
N VAL B 58 3.78 19.62 28.17
CA VAL B 58 4.91 18.93 27.57
C VAL B 58 5.62 19.81 26.54
N GLY B 59 5.06 20.96 26.21
CA GLY B 59 5.65 21.81 25.21
C GLY B 59 5.38 21.31 23.81
N ARG B 60 6.17 21.83 22.87
CA ARG B 60 6.03 21.47 21.47
C ARG B 60 6.84 20.23 21.16
N ILE B 61 6.20 19.22 20.59
CA ILE B 61 6.84 17.96 20.23
C ILE B 61 6.86 17.87 18.71
N GLN B 62 8.05 17.94 18.13
CA GLN B 62 8.24 17.90 16.69
C GLN B 62 8.85 16.56 16.31
N MET B 63 8.01 15.61 15.93
CA MET B 63 8.44 14.30 15.51
C MET B 63 8.69 14.29 14.01
N ARG B 64 9.68 13.52 13.58
CA ARG B 64 10.10 13.51 12.19
C ARG B 64 10.11 12.09 11.65
N THR B 65 9.98 11.99 10.33
CA THR B 65 9.93 10.70 9.67
C THR B 65 11.35 10.13 9.51
N ARG B 66 11.56 8.95 10.06
CA ARG B 66 12.84 8.26 9.96
C ARG B 66 12.86 7.19 8.87
N ARG B 67 11.75 6.48 8.67
CA ARG B 67 11.67 5.45 7.65
C ARG B 67 10.37 5.59 6.89
N THR B 68 10.42 5.35 5.59
CA THR B 68 9.22 5.28 4.75
C THR B 68 9.19 3.91 4.09
N LEU B 69 8.21 3.10 4.47
CA LEU B 69 8.13 1.71 4.05
C LEU B 69 7.26 1.62 2.80
N ARG B 70 7.90 1.39 1.66
CA ARG B 70 7.22 1.28 0.37
C ARG B 70 7.13 -0.19 -0.04
N GLY B 71 6.19 -0.48 -0.92
CA GLY B 71 6.01 -1.83 -1.40
C GLY B 71 4.56 -2.22 -1.56
N HIS B 72 3.67 -1.58 -0.80
CA HIS B 72 2.25 -1.83 -0.97
C HIS B 72 1.75 -1.13 -2.23
N LEU B 73 0.85 -1.80 -2.94
CA LEU B 73 0.31 -1.30 -4.20
C LEU B 73 -1.14 -0.84 -4.07
N ALA B 74 -1.65 -0.71 -2.86
CA ALA B 74 -3.02 -0.26 -2.63
C ALA B 74 -3.16 0.22 -1.20
N LYS B 75 -4.40 0.42 -0.78
CA LYS B 75 -4.68 0.95 0.55
C LYS B 75 -4.20 -0.01 1.64
N ILE B 76 -3.64 0.57 2.69
CA ILE B 76 -3.25 -0.18 3.89
C ILE B 76 -4.39 -0.07 4.91
N TYR B 77 -4.89 -1.22 5.36
CA TYR B 77 -6.06 -1.23 6.24
C TYR B 77 -5.73 -1.49 7.70
N ALA B 78 -4.63 -2.19 8.00
CA ALA B 78 -4.32 -2.50 9.38
C ALA B 78 -2.81 -2.62 9.55
N MET B 79 -2.36 -2.48 10.79
CA MET B 79 -0.95 -2.55 11.12
C MET B 79 -0.80 -2.89 12.60
N HIS B 80 0.14 -3.78 12.92
CA HIS B 80 0.42 -4.13 14.30
C HIS B 80 1.91 -4.28 14.49
N TRP B 81 2.38 -3.98 15.69
CA TRP B 81 3.79 -4.12 16.04
C TRP B 81 4.06 -5.45 16.72
N GLY B 82 5.30 -5.90 16.61
CA GLY B 82 5.75 -7.04 17.37
C GLY B 82 6.12 -6.66 18.79
N THR B 83 6.32 -7.67 19.62
CA THR B 83 6.69 -7.43 21.01
C THR B 83 8.18 -7.11 21.18
N ASP B 84 8.98 -7.26 20.14
CA ASP B 84 10.38 -6.90 20.18
C ASP B 84 10.64 -5.48 19.68
N SER B 85 9.58 -4.76 19.29
CA SER B 85 9.65 -3.37 18.83
C SER B 85 10.49 -3.20 17.58
N ARG B 86 10.71 -4.25 16.81
CA ARG B 86 11.48 -4.16 15.56
C ARG B 86 10.73 -4.69 14.35
N LEU B 87 9.91 -5.71 14.51
CA LEU B 87 9.16 -6.29 13.41
C LEU B 87 7.79 -5.63 13.31
N LEU B 88 7.30 -5.50 12.09
CA LEU B 88 6.02 -4.85 11.81
C LEU B 88 5.22 -5.68 10.83
N VAL B 89 3.90 -5.67 10.96
CA VAL B 89 3.01 -6.38 10.04
C VAL B 89 2.01 -5.39 9.47
N SER B 90 1.83 -5.43 8.14
CA SER B 90 0.90 -4.54 7.46
C SER B 90 0.01 -5.36 6.53
N ALA B 91 -1.24 -4.91 6.40
CA ALA B 91 -2.25 -5.58 5.59
C ALA B 91 -2.77 -4.63 4.53
N SER B 92 -2.82 -5.11 3.28
CA SER B 92 -3.29 -4.28 2.18
C SER B 92 -4.37 -5.02 1.41
N GLN B 93 -5.26 -4.23 0.78
CA GLN B 93 -6.34 -4.81 -0.01
C GLN B 93 -5.85 -5.47 -1.30
N ASP B 94 -4.55 -5.43 -1.57
CA ASP B 94 -3.99 -6.22 -2.66
C ASP B 94 -4.06 -7.71 -2.39
N GLY B 95 -4.39 -8.09 -1.16
CA GLY B 95 -4.32 -9.48 -0.77
C GLY B 95 -3.01 -9.86 -0.12
N LYS B 96 -2.28 -8.89 0.44
CA LYS B 96 -0.95 -9.12 0.95
C LYS B 96 -0.82 -8.68 2.39
N LEU B 97 -0.23 -9.55 3.21
CA LEU B 97 0.35 -9.18 4.48
C LEU B 97 1.87 -9.11 4.29
N ILE B 98 2.49 -8.08 4.86
CA ILE B 98 3.92 -7.90 4.73
C ILE B 98 4.50 -7.71 6.12
N ILE B 99 5.54 -8.49 6.44
CA ILE B 99 6.27 -8.38 7.69
C ILE B 99 7.60 -7.72 7.38
N TRP B 100 7.81 -6.54 7.95
CA TRP B 100 8.94 -5.68 7.71
C TRP B 100 9.86 -5.63 8.93
N ASP B 101 11.14 -5.37 8.66
CA ASP B 101 12.09 -4.97 9.68
C ASP B 101 12.08 -3.45 9.74
N SER B 102 11.67 -2.90 10.88
CA SER B 102 11.48 -1.46 11.00
C SER B 102 12.81 -0.69 10.96
N TYR B 103 13.92 -1.34 11.29
CA TYR B 103 15.21 -0.66 11.35
C TYR B 103 15.89 -0.54 10.00
N THR B 104 16.00 -1.64 9.26
CA THR B 104 16.71 -1.63 7.98
C THR B 104 15.78 -1.53 6.78
N THR B 105 14.48 -1.36 6.99
CA THR B 105 13.43 -1.27 5.97
C THR B 105 13.34 -2.54 5.12
N ASN B 106 14.02 -3.62 5.49
CA ASN B 106 13.96 -4.85 4.72
C ASN B 106 12.59 -5.50 4.87
N LYS B 107 12.18 -6.22 3.82
CA LYS B 107 10.96 -7.01 3.89
C LYS B 107 11.30 -8.44 4.27
N VAL B 108 10.75 -8.88 5.40
CA VAL B 108 11.02 -10.21 5.94
C VAL B 108 10.08 -11.24 5.36
N HIS B 109 8.79 -10.93 5.30
CA HIS B 109 7.80 -11.90 4.83
C HIS B 109 6.76 -11.22 3.95
N ALA B 110 6.27 -11.97 2.96
CA ALA B 110 5.17 -11.54 2.10
C ALA B 110 4.17 -12.67 1.98
N ILE B 111 3.10 -12.60 2.76
CA ILE B 111 2.08 -13.64 2.85
C ILE B 111 0.93 -13.26 1.93
N PRO B 112 0.67 -14.04 0.88
CA PRO B 112 -0.55 -13.82 0.10
C PRO B 112 -1.78 -14.29 0.86
N LEU B 113 -2.92 -13.69 0.53
CA LEU B 113 -4.17 -14.00 1.19
C LEU B 113 -5.16 -14.61 0.21
N ARG B 114 -6.02 -15.50 0.71
CA ARG B 114 -7.09 -16.07 -0.10
C ARG B 114 -8.15 -15.05 -0.45
N SER B 115 -8.43 -14.10 0.45
CA SER B 115 -9.39 -13.04 0.20
C SER B 115 -8.67 -11.71 0.21
N SER B 116 -8.84 -10.93 -0.85
CA SER B 116 -8.18 -9.65 -0.96
C SER B 116 -8.78 -8.59 -0.06
N TRP B 117 -9.92 -8.85 0.56
CA TRP B 117 -10.59 -7.88 1.43
C TRP B 117 -10.20 -8.15 2.89
N VAL B 118 -9.11 -7.50 3.30
CA VAL B 118 -8.60 -7.62 4.66
C VAL B 118 -8.75 -6.27 5.36
N MET B 119 -9.34 -6.29 6.55
CA MET B 119 -9.53 -5.09 7.35
C MET B 119 -8.95 -5.18 8.74
N THR B 120 -8.20 -6.23 9.05
CA THR B 120 -7.60 -6.40 10.37
C THR B 120 -6.36 -7.27 10.26
N CYS B 121 -5.42 -7.04 11.18
CA CYS B 121 -4.22 -7.86 11.28
C CYS B 121 -3.74 -7.82 12.73
N ALA B 122 -2.99 -8.85 13.10
CA ALA B 122 -2.51 -8.97 14.47
C ALA B 122 -1.18 -9.70 14.48
N TYR B 123 -0.37 -9.39 15.49
CA TYR B 123 0.91 -10.04 15.71
C TYR B 123 0.88 -10.73 17.06
N ALA B 124 1.19 -12.01 17.08
CA ALA B 124 1.16 -12.77 18.32
C ALA B 124 2.22 -12.25 19.28
N PRO B 125 1.92 -12.22 20.58
CA PRO B 125 2.92 -11.72 21.55
C PRO B 125 4.18 -12.56 21.59
N SER B 126 4.13 -13.82 21.17
CA SER B 126 5.31 -14.66 21.12
C SER B 126 6.07 -14.55 19.81
N GLY B 127 5.52 -13.87 18.81
CA GLY B 127 6.17 -13.70 17.53
C GLY B 127 6.07 -14.89 16.60
N ASN B 128 5.23 -15.87 16.90
CA ASN B 128 5.12 -17.07 16.08
C ASN B 128 4.00 -17.02 15.08
N TYR B 129 2.92 -16.31 15.37
CA TYR B 129 1.72 -16.35 14.54
C TYR B 129 1.29 -14.94 14.14
N VAL B 130 0.56 -14.86 13.03
CA VAL B 130 -0.10 -13.63 12.59
C VAL B 130 -1.54 -13.97 12.23
N ALA B 131 -2.37 -12.94 12.12
CA ALA B 131 -3.79 -13.13 11.86
C ALA B 131 -4.26 -12.11 10.84
N CYS B 132 -5.32 -12.49 10.11
CA CYS B 132 -5.97 -11.59 9.16
C CYS B 132 -7.44 -11.95 9.07
N GLY B 133 -8.23 -11.01 8.57
CA GLY B 133 -9.64 -11.23 8.36
C GLY B 133 -10.27 -10.05 7.64
N GLY B 134 -11.51 -10.22 7.23
CA GLY B 134 -12.19 -9.16 6.51
C GLY B 134 -13.59 -9.59 6.11
N LEU B 135 -13.97 -9.19 4.89
CA LEU B 135 -15.33 -9.41 4.42
C LEU B 135 -15.63 -10.88 4.16
N ASP B 136 -14.61 -11.74 4.16
CA ASP B 136 -14.84 -13.16 3.96
C ASP B 136 -15.48 -13.84 5.16
N ASN B 137 -15.59 -13.13 6.29
CA ASN B 137 -16.16 -13.65 7.53
C ASN B 137 -15.37 -14.84 8.07
N ILE B 138 -14.07 -14.88 7.78
CA ILE B 138 -13.18 -15.95 8.22
C ILE B 138 -11.91 -15.32 8.75
N CYS B 139 -11.45 -15.79 9.91
CA CYS B 139 -10.20 -15.32 10.49
C CYS B 139 -9.10 -16.32 10.18
N SER B 140 -8.11 -15.90 9.41
CA SER B 140 -7.03 -16.77 8.98
C SER B 140 -5.80 -16.52 9.87
N ILE B 141 -5.34 -17.57 10.52
CA ILE B 141 -4.17 -17.52 11.40
C ILE B 141 -3.03 -18.25 10.71
N TYR B 142 -1.93 -17.54 10.49
CA TYR B 142 -0.75 -18.05 9.80
C TYR B 142 0.38 -18.27 10.80
N ASN B 143 1.18 -19.30 10.54
CA ASN B 143 2.32 -19.66 11.38
C ASN B 143 3.60 -19.20 10.69
N LEU B 144 4.45 -18.50 11.43
CA LEU B 144 5.68 -17.94 10.88
C LEU B 144 6.90 -18.81 11.12
N LYS B 145 6.96 -19.54 12.24
CA LYS B 145 8.09 -20.40 12.57
C LYS B 145 7.70 -21.82 12.19
N THR B 146 8.17 -22.25 11.01
CA THR B 146 7.85 -23.56 10.47
C THR B 146 9.13 -24.24 9.98
N ARG B 147 9.09 -25.57 9.95
CA ARG B 147 10.23 -26.34 9.47
C ARG B 147 10.35 -26.32 7.95
N GLU B 148 9.24 -26.11 7.25
CA GLU B 148 9.28 -26.08 5.79
C GLU B 148 9.88 -24.79 5.27
N GLY B 149 9.93 -23.75 6.11
CA GLY B 149 10.54 -22.49 5.76
C GLY B 149 9.58 -21.45 5.22
N ASN B 150 8.39 -21.86 4.78
CA ASN B 150 7.40 -20.93 4.26
C ASN B 150 6.34 -20.64 5.33
N VAL B 151 5.48 -19.67 5.06
CA VAL B 151 4.38 -19.31 5.93
C VAL B 151 3.10 -19.85 5.33
N ARG B 152 2.39 -20.69 6.08
CA ARG B 152 1.19 -21.36 5.60
C ARG B 152 0.06 -21.17 6.59
N VAL B 153 -1.17 -21.30 6.08
CA VAL B 153 -2.35 -21.11 6.91
C VAL B 153 -2.39 -22.17 7.99
N SER B 154 -2.40 -21.72 9.24
CA SER B 154 -2.50 -22.64 10.37
C SER B 154 -3.96 -22.93 10.71
N ARG B 155 -4.80 -21.90 10.70
CA ARG B 155 -6.21 -22.07 11.03
C ARG B 155 -7.07 -21.15 10.18
N GLU B 156 -8.29 -21.59 9.89
CA GLU B 156 -9.32 -20.76 9.28
C GLU B 156 -10.56 -20.82 10.18
N LEU B 157 -10.68 -19.86 11.09
CA LEU B 157 -11.75 -19.83 12.07
C LEU B 157 -12.99 -19.22 11.42
N ALA B 158 -14.08 -19.99 11.41
CA ALA B 158 -15.33 -19.53 10.81
C ALA B 158 -16.48 -19.70 11.80
N GLY B 159 -17.53 -18.90 11.64
CA GLY B 159 -18.65 -18.90 12.56
C GLY B 159 -19.28 -17.55 12.79
N HIS B 160 -18.72 -16.48 12.23
CA HIS B 160 -19.36 -15.18 12.28
C HIS B 160 -20.28 -15.00 11.09
N THR B 161 -21.33 -14.18 11.26
CA THR B 161 -22.24 -13.84 10.19
C THR B 161 -21.99 -12.45 9.63
N GLY B 162 -20.75 -11.97 9.71
CA GLY B 162 -20.41 -10.66 9.19
C GLY B 162 -18.91 -10.51 9.11
N TYR B 163 -18.48 -9.33 8.66
CA TYR B 163 -17.06 -9.05 8.50
C TYR B 163 -16.39 -8.91 9.87
N LEU B 164 -15.07 -9.14 9.87
CA LEU B 164 -14.25 -8.99 11.06
C LEU B 164 -13.65 -7.60 11.08
N SER B 165 -13.81 -6.89 12.19
CA SER B 165 -13.28 -5.54 12.31
C SER B 165 -11.93 -5.49 13.00
N CYS B 166 -11.72 -6.31 14.02
CA CYS B 166 -10.44 -6.34 14.73
C CYS B 166 -10.24 -7.71 15.35
N CYS B 167 -8.98 -8.15 15.41
CA CYS B 167 -8.62 -9.43 16.00
C CYS B 167 -7.35 -9.26 16.81
N ARG B 168 -7.31 -9.88 17.98
CA ARG B 168 -6.20 -9.72 18.91
C ARG B 168 -5.86 -11.05 19.56
N PHE B 169 -4.60 -11.21 19.94
CA PHE B 169 -4.13 -12.45 20.55
C PHE B 169 -4.02 -12.32 22.06
N LEU B 170 -4.60 -13.28 22.77
CA LEU B 170 -4.35 -13.43 24.20
C LEU B 170 -3.13 -14.29 24.46
N ASP B 171 -2.99 -15.39 23.71
CA ASP B 171 -1.83 -16.27 23.78
C ASP B 171 -1.67 -16.90 22.40
N ASP B 172 -0.92 -17.99 22.34
CA ASP B 172 -0.71 -18.68 21.08
C ASP B 172 -1.86 -19.62 20.73
N ASN B 173 -2.82 -19.83 21.63
CA ASN B 173 -3.95 -20.70 21.36
C ASN B 173 -5.29 -20.03 21.61
N GLN B 174 -5.31 -18.73 21.92
CA GLN B 174 -6.54 -17.99 22.14
C GLN B 174 -6.51 -16.71 21.35
N ILE B 175 -7.62 -16.37 20.69
CA ILE B 175 -7.72 -15.16 19.90
C ILE B 175 -9.10 -14.53 20.11
N VAL B 176 -9.14 -13.22 20.26
CA VAL B 176 -10.38 -12.47 20.46
C VAL B 176 -10.71 -11.73 19.18
N THR B 177 -11.92 -11.94 18.66
CA THR B 177 -12.35 -11.32 17.42
C THR B 177 -13.64 -10.53 17.65
N SER B 178 -13.78 -9.45 16.89
CA SER B 178 -14.99 -8.63 16.93
C SER B 178 -15.52 -8.51 15.52
N SER B 179 -16.83 -8.71 15.34
CA SER B 179 -17.38 -8.74 13.99
C SER B 179 -18.56 -7.78 13.87
N GLY B 180 -19.08 -7.69 12.65
CA GLY B 180 -20.15 -6.78 12.33
C GLY B 180 -21.54 -7.37 12.51
N ASP B 181 -21.59 -8.56 13.10
CA ASP B 181 -22.86 -9.17 13.48
C ASP B 181 -23.22 -8.84 14.93
N THR B 182 -22.77 -7.68 15.42
CA THR B 182 -23.09 -7.20 16.76
C THR B 182 -22.60 -8.15 17.83
N THR B 183 -21.41 -8.72 17.65
CA THR B 183 -20.88 -9.63 18.64
C THR B 183 -19.36 -9.74 18.55
N CYS B 184 -18.80 -10.33 19.60
CA CYS B 184 -17.40 -10.71 19.68
C CYS B 184 -17.31 -12.19 20.06
N ALA B 185 -16.15 -12.78 19.79
CA ALA B 185 -15.96 -14.20 20.07
C ALA B 185 -14.56 -14.44 20.60
N LEU B 186 -14.43 -15.46 21.44
CA LEU B 186 -13.14 -15.93 21.91
C LEU B 186 -12.89 -17.33 21.37
N TRP B 187 -11.90 -17.45 20.47
CA TRP B 187 -11.62 -18.67 19.77
C TRP B 187 -10.41 -19.37 20.37
N ASP B 188 -10.53 -20.68 20.57
CA ASP B 188 -9.40 -21.55 20.87
C ASP B 188 -8.85 -22.06 19.55
N ILE B 189 -7.59 -21.75 19.26
CA ILE B 189 -7.03 -21.99 17.93
C ILE B 189 -6.96 -23.48 17.63
N GLU B 190 -6.50 -24.29 18.58
CA GLU B 190 -6.31 -25.71 18.31
C GLU B 190 -7.65 -26.40 18.03
N THR B 191 -8.64 -26.20 18.88
CA THR B 191 -9.96 -26.76 18.64
C THR B 191 -10.62 -26.15 17.40
N GLY B 192 -10.48 -24.84 17.21
CA GLY B 192 -11.13 -24.18 16.10
C GLY B 192 -12.57 -23.80 16.35
N GLN B 193 -13.00 -23.80 17.61
CA GLN B 193 -14.38 -23.50 17.96
C GLN B 193 -14.39 -22.43 19.04
N GLN B 194 -15.48 -21.66 19.08
CA GLN B 194 -15.61 -20.60 20.06
C GLN B 194 -15.71 -21.17 21.46
N THR B 195 -15.00 -20.55 22.41
CA THR B 195 -15.15 -20.88 23.81
C THR B 195 -16.18 -20.01 24.52
N THR B 196 -16.38 -18.77 24.05
CA THR B 196 -17.43 -17.92 24.58
C THR B 196 -17.75 -16.84 23.55
N THR B 197 -19.01 -16.41 23.54
CA THR B 197 -19.49 -15.38 22.65
C THR B 197 -20.06 -14.22 23.46
N PHE B 198 -19.63 -13.01 23.08
CA PHE B 198 -20.03 -11.78 23.77
C PHE B 198 -21.08 -11.08 22.91
N THR B 199 -22.28 -10.97 23.44
CA THR B 199 -23.39 -10.30 22.80
C THR B 199 -23.98 -9.25 23.74
N GLY B 200 -24.68 -8.28 23.16
CA GLY B 200 -25.25 -7.19 23.93
C GLY B 200 -25.19 -5.87 23.20
N HIS B 201 -24.33 -5.77 22.19
CA HIS B 201 -24.36 -4.60 21.33
C HIS B 201 -25.57 -4.66 20.40
N THR B 202 -26.02 -3.49 19.97
CA THR B 202 -27.10 -3.41 19.00
C THR B 202 -26.61 -3.05 17.60
N GLY B 203 -25.34 -2.74 17.43
CA GLY B 203 -24.76 -2.43 16.15
C GLY B 203 -23.43 -3.12 15.92
N ASP B 204 -22.83 -2.81 14.77
CA ASP B 204 -21.58 -3.43 14.38
C ASP B 204 -20.46 -2.99 15.31
N VAL B 205 -19.61 -3.94 15.70
CA VAL B 205 -18.47 -3.69 16.57
C VAL B 205 -17.25 -3.41 15.69
N MET B 206 -16.53 -2.33 15.99
CA MET B 206 -15.49 -1.84 15.10
C MET B 206 -14.07 -2.01 15.63
N SER B 207 -13.87 -1.99 16.95
CA SER B 207 -12.52 -2.02 17.47
C SER B 207 -12.45 -2.83 18.75
N LEU B 208 -11.24 -3.29 19.06
CA LEU B 208 -10.93 -4.01 20.29
C LEU B 208 -9.65 -3.46 20.89
N SER B 209 -9.47 -3.70 22.19
CA SER B 209 -8.24 -3.36 22.89
C SER B 209 -8.13 -4.24 24.14
N LEU B 210 -7.10 -5.07 24.17
CA LEU B 210 -6.89 -6.01 25.27
C LEU B 210 -6.22 -5.31 26.44
N ALA B 211 -6.67 -5.66 27.65
CA ALA B 211 -6.03 -5.16 28.86
C ALA B 211 -4.63 -5.75 28.96
N PRO B 212 -3.70 -5.06 29.63
CA PRO B 212 -2.33 -5.57 29.76
C PRO B 212 -2.25 -6.94 30.43
N ASP B 213 -3.15 -7.26 31.36
CA ASP B 213 -3.15 -8.53 32.05
C ASP B 213 -3.98 -9.59 31.33
N THR B 214 -4.60 -9.23 30.20
CA THR B 214 -5.38 -10.12 29.34
C THR B 214 -6.55 -10.78 30.05
N ARG B 215 -7.15 -10.13 31.05
CA ARG B 215 -8.33 -10.71 31.70
C ARG B 215 -9.61 -10.00 31.29
N LEU B 216 -9.52 -8.74 30.85
CA LEU B 216 -10.67 -7.96 30.41
C LEU B 216 -10.34 -7.33 29.07
N PHE B 217 -11.37 -6.87 28.36
CA PHE B 217 -11.14 -6.11 27.14
C PHE B 217 -12.29 -5.14 26.91
N VAL B 218 -12.08 -4.24 25.96
CA VAL B 218 -13.05 -3.19 25.66
C VAL B 218 -13.43 -3.28 24.19
N SER B 219 -14.72 -3.08 23.92
CA SER B 219 -15.26 -3.22 22.57
C SER B 219 -16.17 -2.04 22.27
N GLY B 220 -15.84 -1.29 21.23
CA GLY B 220 -16.65 -0.17 20.78
C GLY B 220 -17.47 -0.55 19.56
N ALA B 221 -18.71 -0.08 19.51
CA ALA B 221 -19.61 -0.49 18.45
C ALA B 221 -20.19 0.73 17.76
N CYS B 222 -20.98 0.46 16.73
CA CYS B 222 -21.60 1.53 15.94
C CYS B 222 -22.88 2.05 16.56
N ASP B 223 -23.31 1.52 17.70
CA ASP B 223 -24.45 2.04 18.43
C ASP B 223 -24.07 3.20 19.35
N ALA B 224 -22.94 3.86 19.07
CA ALA B 224 -22.45 4.98 19.86
C ALA B 224 -22.21 4.57 21.32
N SER B 225 -21.56 3.43 21.51
CA SER B 225 -21.28 2.93 22.84
C SER B 225 -20.02 2.08 22.84
N ALA B 226 -19.47 1.89 24.04
CA ALA B 226 -18.38 0.97 24.29
C ALA B 226 -18.76 0.11 25.48
N LYS B 227 -18.19 -1.08 25.55
CA LYS B 227 -18.49 -2.01 26.64
C LYS B 227 -17.22 -2.67 27.13
N LEU B 228 -17.11 -2.79 28.45
CA LEU B 228 -16.03 -3.52 29.10
C LEU B 228 -16.51 -4.94 29.37
N TRP B 229 -15.87 -5.90 28.70
CA TRP B 229 -16.20 -7.31 28.78
C TRP B 229 -15.16 -8.06 29.59
N ASP B 230 -15.63 -9.06 30.34
CA ASP B 230 -14.76 -9.99 31.06
C ASP B 230 -14.53 -11.20 30.15
N VAL B 231 -13.26 -11.57 29.95
CA VAL B 231 -12.94 -12.64 29.02
C VAL B 231 -13.40 -13.98 29.55
N ARG B 232 -13.11 -14.27 30.82
CA ARG B 232 -13.36 -15.59 31.38
C ARG B 232 -14.84 -15.86 31.66
N GLU B 233 -15.56 -14.89 32.19
CA GLU B 233 -16.96 -15.12 32.56
C GLU B 233 -17.89 -15.00 31.36
N GLY B 234 -17.47 -14.33 30.30
CA GLY B 234 -18.33 -14.15 29.14
C GLY B 234 -19.52 -13.25 29.38
N MET B 235 -19.34 -12.18 30.15
CA MET B 235 -20.44 -11.28 30.48
C MET B 235 -19.98 -9.84 30.27
N CYS B 236 -20.95 -8.98 29.96
CA CYS B 236 -20.69 -7.56 29.79
C CYS B 236 -20.59 -6.90 31.16
N ARG B 237 -19.38 -6.57 31.58
CA ARG B 237 -19.18 -6.01 32.92
C ARG B 237 -19.65 -4.57 33.01
N GLN B 238 -19.35 -3.75 32.01
CA GLN B 238 -19.74 -2.34 32.07
C GLN B 238 -20.11 -1.82 30.69
N THR B 239 -20.90 -0.76 30.66
CA THR B 239 -21.35 -0.12 29.43
C THR B 239 -21.17 1.39 29.53
N PHE B 240 -20.29 1.94 28.69
CA PHE B 240 -20.05 3.37 28.62
C PHE B 240 -20.67 3.95 27.35
N THR B 241 -21.24 5.15 27.47
CA THR B 241 -21.81 5.84 26.32
C THR B 241 -21.32 7.28 26.33
N GLY B 242 -21.81 8.06 25.38
CA GLY B 242 -21.47 9.47 25.31
C GLY B 242 -21.19 9.97 23.91
N HIS B 243 -20.67 9.10 23.05
CA HIS B 243 -20.37 9.48 21.68
C HIS B 243 -21.65 9.71 20.89
N GLU B 244 -21.63 10.74 20.04
CA GLU B 244 -22.79 11.05 19.23
C GLU B 244 -22.91 10.10 18.04
N SER B 245 -21.78 9.61 17.53
CA SER B 245 -21.77 8.76 16.35
C SER B 245 -21.00 7.48 16.67
N ASP B 246 -20.75 6.68 15.64
CA ASP B 246 -20.13 5.37 15.81
C ASP B 246 -18.67 5.50 16.22
N ILE B 247 -18.22 4.54 17.01
CA ILE B 247 -16.83 4.46 17.48
C ILE B 247 -16.07 3.56 16.52
N ASN B 248 -14.99 4.10 15.94
CA ASN B 248 -14.17 3.35 15.00
C ASN B 248 -12.94 2.74 15.62
N ALA B 249 -12.27 3.44 16.54
CA ALA B 249 -11.04 2.96 17.14
C ALA B 249 -11.13 3.06 18.65
N ILE B 250 -10.44 2.15 19.33
CA ILE B 250 -10.39 2.12 20.79
C ILE B 250 -9.00 1.67 21.21
N CYS B 251 -8.54 2.17 22.36
CA CYS B 251 -7.24 1.80 22.89
C CYS B 251 -7.30 1.83 24.41
N PHE B 252 -6.33 1.18 25.04
CA PHE B 252 -6.33 1.04 26.52
C PHE B 252 -5.13 1.74 27.15
N PHE B 253 -5.35 2.47 28.23
CA PHE B 253 -4.28 3.11 28.98
C PHE B 253 -3.32 2.04 29.49
N PRO B 254 -2.03 2.36 29.61
CA PRO B 254 -1.05 1.33 29.97
C PRO B 254 -1.32 0.62 31.28
N ASN B 255 -1.94 1.27 32.26
CA ASN B 255 -2.19 0.65 33.56
C ASN B 255 -3.48 -0.15 33.59
N GLY B 256 -4.28 -0.10 32.53
CA GLY B 256 -5.52 -0.85 32.47
C GLY B 256 -6.69 -0.23 33.18
N ASN B 257 -6.54 0.97 33.73
CA ASN B 257 -7.61 1.64 34.45
C ASN B 257 -8.32 2.72 33.64
N ALA B 258 -7.94 2.91 32.38
CA ALA B 258 -8.57 3.93 31.55
C ALA B 258 -8.49 3.50 30.10
N PHE B 259 -9.34 4.09 29.27
CA PHE B 259 -9.28 3.78 27.85
C PHE B 259 -9.83 4.96 27.04
N ALA B 260 -9.29 5.13 25.85
CA ALA B 260 -9.64 6.23 24.98
C ALA B 260 -10.30 5.70 23.71
N THR B 261 -11.35 6.39 23.27
CA THR B 261 -12.15 5.98 22.14
C THR B 261 -12.21 7.10 21.11
N GLY B 262 -12.24 6.69 19.83
CA GLY B 262 -12.36 7.64 18.74
C GLY B 262 -13.58 7.37 17.88
N SER B 263 -14.32 8.42 17.54
CA SER B 263 -15.54 8.31 16.79
C SER B 263 -15.45 9.14 15.51
N ASP B 264 -16.57 9.18 14.79
CA ASP B 264 -16.69 10.01 13.59
C ASP B 264 -17.20 11.41 13.88
N ASP B 265 -17.39 11.74 15.15
CA ASP B 265 -17.79 13.08 15.56
C ASP B 265 -16.61 14.04 15.65
N ALA B 266 -15.45 13.64 15.12
CA ALA B 266 -14.21 14.41 15.27
C ALA B 266 -13.89 14.64 16.74
N THR B 267 -14.17 13.64 17.57
CA THR B 267 -14.01 13.75 19.02
C THR B 267 -13.44 12.45 19.57
N CYS B 268 -12.46 12.59 20.45
CA CYS B 268 -11.90 11.47 21.20
C CYS B 268 -12.31 11.62 22.65
N ARG B 269 -12.54 10.50 23.33
CA ARG B 269 -13.03 10.53 24.70
C ARG B 269 -12.24 9.55 25.56
N LEU B 270 -11.78 10.04 26.71
CA LEU B 270 -11.08 9.22 27.68
C LEU B 270 -12.02 8.88 28.83
N PHE B 271 -12.26 7.57 29.02
CA PHE B 271 -13.12 7.02 30.05
C PHE B 271 -12.28 6.30 31.09
N ASP B 272 -12.83 6.20 32.30
CA ASP B 272 -12.21 5.48 33.40
C ASP B 272 -13.05 4.25 33.73
N LEU B 273 -12.39 3.11 33.96
CA LEU B 273 -13.13 1.90 34.30
C LEU B 273 -13.66 1.94 35.73
N ARG B 274 -12.87 2.44 36.68
CA ARG B 274 -13.28 2.46 38.07
C ARG B 274 -14.40 3.43 38.36
N ALA B 275 -14.32 4.67 37.87
CA ALA B 275 -15.33 5.67 38.17
C ALA B 275 -16.60 5.48 37.35
N ASP B 276 -16.54 4.67 36.29
CA ASP B 276 -17.70 4.43 35.43
C ASP B 276 -18.27 5.75 34.89
N GLN B 277 -17.38 6.66 34.52
CA GLN B 277 -17.78 7.98 34.06
C GLN B 277 -16.78 8.47 33.05
N GLU B 278 -17.27 9.23 32.06
CA GLU B 278 -16.40 9.85 31.09
C GLU B 278 -15.52 10.90 31.76
N LEU B 279 -14.24 10.87 31.45
CA LEU B 279 -13.27 11.78 32.06
C LEU B 279 -12.93 12.97 31.19
N MET B 280 -12.48 12.75 29.96
CA MET B 280 -11.96 13.85 29.18
C MET B 280 -12.48 13.81 27.75
N THR B 281 -12.68 14.98 27.16
CA THR B 281 -13.09 15.13 25.79
C THR B 281 -12.03 15.91 25.01
N TYR B 282 -11.46 15.28 23.98
CA TYR B 282 -10.48 15.90 23.10
C TYR B 282 -11.18 16.22 21.78
N SER B 283 -11.38 17.51 21.53
CA SER B 283 -12.03 17.94 20.30
C SER B 283 -11.65 19.39 20.04
N HIS B 284 -11.63 19.76 18.76
CA HIS B 284 -11.29 21.11 18.36
C HIS B 284 -12.25 21.57 17.27
N ASP B 285 -12.42 22.89 17.16
CA ASP B 285 -13.38 23.44 16.22
C ASP B 285 -12.88 23.34 14.78
N ASN B 286 -11.56 23.33 14.59
CA ASN B 286 -10.97 23.26 13.26
C ASN B 286 -10.88 21.85 12.72
N ILE B 287 -11.30 20.85 13.49
CA ILE B 287 -11.27 19.45 13.07
C ILE B 287 -12.70 18.99 12.86
N ILE B 288 -13.01 18.56 11.64
CA ILE B 288 -14.34 18.09 11.29
C ILE B 288 -14.31 16.70 10.68
N CYS B 289 -13.14 16.07 10.65
CA CYS B 289 -12.97 14.73 10.11
C CYS B 289 -12.91 13.71 11.23
N GLY B 290 -13.32 12.48 10.93
CA GLY B 290 -13.41 11.45 11.92
C GLY B 290 -12.05 10.87 12.29
N ILE B 291 -12.06 10.03 13.32
CA ILE B 291 -10.85 9.39 13.83
C ILE B 291 -10.85 7.94 13.37
N THR B 292 -9.72 7.48 12.84
CA THR B 292 -9.60 6.11 12.36
C THR B 292 -8.75 5.22 13.24
N SER B 293 -7.78 5.77 13.95
CA SER B 293 -6.91 4.97 14.81
C SER B 293 -6.47 5.81 16.00
N VAL B 294 -6.48 5.20 17.18
CA VAL B 294 -6.10 5.86 18.42
C VAL B 294 -5.05 5.02 19.12
N SER B 295 -4.00 5.68 19.60
CA SER B 295 -2.93 4.98 20.32
C SER B 295 -2.39 5.88 21.41
N PHE B 296 -1.80 5.25 22.43
CA PHE B 296 -1.24 5.93 23.58
C PHE B 296 0.28 5.87 23.54
N SER B 297 0.91 6.68 24.38
CA SER B 297 2.35 6.61 24.58
C SER B 297 2.66 5.65 25.74
N LYS B 298 3.95 5.38 25.94
CA LYS B 298 4.35 4.44 26.99
C LYS B 298 4.00 4.97 28.37
N SER B 299 4.24 6.26 28.60
CA SER B 299 3.91 6.87 29.90
C SER B 299 2.47 7.34 29.97
N GLY B 300 1.72 7.30 28.87
CA GLY B 300 0.35 7.74 28.85
C GLY B 300 0.16 9.24 28.74
N ARG B 301 1.24 10.01 28.62
CA ARG B 301 1.11 11.45 28.54
C ARG B 301 0.62 11.92 27.17
N LEU B 302 1.01 11.22 26.11
CA LEU B 302 0.62 11.57 24.75
C LEU B 302 -0.47 10.64 24.25
N LEU B 303 -1.42 11.19 23.51
CA LEU B 303 -2.46 10.43 22.84
C LEU B 303 -2.42 10.75 21.35
N LEU B 304 -2.19 9.74 20.53
CA LEU B 304 -2.05 9.93 19.08
C LEU B 304 -3.30 9.44 18.38
N ALA B 305 -3.87 10.28 17.53
CA ALA B 305 -5.09 9.95 16.82
C ALA B 305 -4.96 10.34 15.35
N GLY B 306 -5.15 9.38 14.46
CA GLY B 306 -5.14 9.64 13.04
C GLY B 306 -6.52 10.01 12.55
N TYR B 307 -6.58 11.05 11.71
CA TYR B 307 -7.86 11.58 11.26
C TYR B 307 -8.00 11.34 9.75
N ASP B 308 -9.21 11.61 9.25
CA ASP B 308 -9.47 11.44 7.83
C ASP B 308 -8.95 12.60 7.00
N ASP B 309 -8.46 13.67 7.64
CA ASP B 309 -7.94 14.83 6.95
C ASP B 309 -6.48 14.64 6.56
N PHE B 310 -6.05 13.39 6.37
CA PHE B 310 -4.75 13.04 5.81
C PHE B 310 -3.60 13.31 6.77
N ASN B 311 -3.86 13.31 8.08
CA ASN B 311 -2.81 13.58 9.04
C ASN B 311 -3.17 12.96 10.38
N CYS B 312 -2.30 13.18 11.37
CA CYS B 312 -2.45 12.65 12.71
C CYS B 312 -2.15 13.75 13.72
N ASN B 313 -2.81 13.69 14.87
CA ASN B 313 -2.62 14.68 15.92
C ASN B 313 -2.17 14.02 17.22
N VAL B 314 -1.25 14.68 17.91
CA VAL B 314 -0.73 14.22 19.20
C VAL B 314 -1.20 15.20 20.26
N TRP B 315 -2.02 14.71 21.19
CA TRP B 315 -2.64 15.50 22.25
C TRP B 315 -1.97 15.19 23.58
N ASP B 316 -2.02 16.17 24.48
CA ASP B 316 -1.64 15.95 25.87
C ASP B 316 -2.79 15.23 26.56
N ALA B 317 -2.56 13.98 26.95
CA ALA B 317 -3.65 13.14 27.44
C ALA B 317 -4.18 13.59 28.79
N LEU B 318 -3.49 14.51 29.47
CA LEU B 318 -3.95 14.99 30.76
C LEU B 318 -4.55 16.38 30.71
N LYS B 319 -4.22 17.20 29.71
CA LYS B 319 -4.71 18.56 29.63
C LYS B 319 -5.48 18.89 28.36
N ALA B 320 -5.59 17.96 27.41
CA ALA B 320 -6.37 18.14 26.19
C ALA B 320 -5.86 19.29 25.33
N ASP B 321 -4.54 19.35 25.11
CA ASP B 321 -3.97 20.31 24.19
C ASP B 321 -3.29 19.61 23.03
N ARG B 322 -3.42 20.19 21.84
CA ARG B 322 -2.81 19.65 20.63
C ARG B 322 -1.31 19.87 20.72
N ALA B 323 -0.59 18.87 21.23
CA ALA B 323 0.85 19.00 21.41
C ALA B 323 1.60 18.99 20.09
N GLY B 324 1.09 18.31 19.08
CA GLY B 324 1.78 18.26 17.80
C GLY B 324 0.91 17.70 16.70
N VAL B 325 1.40 17.84 15.48
CA VAL B 325 0.70 17.36 14.29
C VAL B 325 1.72 16.67 13.38
N LEU B 326 1.36 15.49 12.88
CA LEU B 326 2.14 14.79 11.89
C LEU B 326 1.37 14.81 10.58
N ALA B 327 2.00 15.38 9.53
CA ALA B 327 1.30 15.73 8.31
C ALA B 327 2.07 15.23 7.09
N GLY B 328 2.51 13.98 7.15
CA GLY B 328 3.30 13.40 6.07
C GLY B 328 2.58 12.52 5.08
N HIS B 329 1.27 12.31 5.24
CA HIS B 329 0.53 11.44 4.35
C HIS B 329 -0.29 12.23 3.33
N ASP B 330 -0.75 11.52 2.30
CA ASP B 330 -1.51 12.12 1.22
C ASP B 330 -2.95 11.60 1.15
N ASN B 331 -3.32 10.65 2.01
CA ASN B 331 -4.67 10.13 2.05
C ASN B 331 -5.00 9.76 3.48
N ARG B 332 -6.15 9.11 3.67
CA ARG B 332 -6.66 8.84 5.00
C ARG B 332 -5.74 7.91 5.77
N VAL B 333 -5.33 8.35 6.96
CA VAL B 333 -4.54 7.51 7.85
C VAL B 333 -5.45 6.46 8.47
N SER B 334 -5.16 5.19 8.19
CA SER B 334 -6.04 4.10 8.58
C SER B 334 -5.55 3.33 9.80
N CYS B 335 -4.27 3.42 10.16
CA CYS B 335 -3.78 2.63 11.28
C CYS B 335 -2.64 3.36 11.97
N LEU B 336 -2.59 3.26 13.29
CA LEU B 336 -1.51 3.78 14.09
C LEU B 336 -0.98 2.69 15.00
N GLY B 337 0.26 2.85 15.45
CA GLY B 337 0.86 1.92 16.39
C GLY B 337 2.02 2.56 17.11
N VAL B 338 2.24 2.10 18.35
CA VAL B 338 3.34 2.57 19.18
C VAL B 338 4.09 1.35 19.69
N THR B 339 5.41 1.40 19.61
CA THR B 339 6.24 0.28 20.03
C THR B 339 6.13 0.08 21.54
N ASP B 340 6.43 -1.16 21.97
CA ASP B 340 6.33 -1.49 23.39
C ASP B 340 7.33 -0.69 24.22
N ASP B 341 8.47 -0.33 23.63
CA ASP B 341 9.45 0.49 24.33
C ASP B 341 9.24 1.98 24.11
N GLY B 342 8.21 2.36 23.36
CA GLY B 342 7.90 3.76 23.13
C GLY B 342 8.87 4.51 22.25
N MET B 343 9.69 3.80 21.47
CA MET B 343 10.73 4.46 20.70
C MET B 343 10.17 5.19 19.47
N ALA B 344 9.18 4.61 18.80
CA ALA B 344 8.71 5.14 17.54
C ALA B 344 7.21 4.97 17.42
N VAL B 345 6.62 5.75 16.50
CA VAL B 345 5.19 5.65 16.19
C VAL B 345 5.05 5.36 14.70
N ALA B 346 4.33 4.30 14.38
CA ALA B 346 4.12 3.92 12.99
C ALA B 346 2.72 4.29 12.54
N THR B 347 2.64 4.90 11.35
CA THR B 347 1.40 5.34 10.77
C THR B 347 1.24 4.71 9.39
N GLY B 348 0.02 4.32 9.08
CA GLY B 348 -0.29 3.73 7.79
C GLY B 348 -1.57 4.31 7.25
N SER B 349 -1.49 4.80 6.01
CA SER B 349 -2.58 5.53 5.37
C SER B 349 -2.90 4.86 4.04
N TRP B 350 -3.93 5.38 3.38
CA TRP B 350 -4.41 4.80 2.13
C TRP B 350 -3.56 5.19 0.94
N ASP B 351 -2.43 5.86 1.14
CA ASP B 351 -1.54 6.20 0.04
C ASP B 351 -0.50 5.12 -0.23
N SER B 352 -0.70 3.92 0.32
CA SER B 352 0.15 2.74 0.13
C SER B 352 1.53 2.90 0.75
N PHE B 353 1.68 3.70 1.80
CA PHE B 353 2.95 3.90 2.46
C PHE B 353 2.81 3.78 3.97
N LEU B 354 3.88 3.30 4.60
CA LEU B 354 4.00 3.27 6.05
C LEU B 354 5.12 4.22 6.46
N LYS B 355 4.86 5.00 7.51
CA LYS B 355 5.85 5.97 7.97
C LYS B 355 6.13 5.76 9.45
N ILE B 356 7.41 5.80 9.80
CA ILE B 356 7.89 5.67 11.16
C ILE B 356 8.32 7.06 11.62
N TRP B 357 7.81 7.50 12.77
CA TRP B 357 8.06 8.83 13.30
C TRP B 357 8.76 8.70 14.64
N ASN B 358 9.81 9.50 14.82
CA ASN B 358 10.55 9.51 16.08
C ASN B 358 10.82 10.95 16.53
N THR C 6 -43.29 -14.18 22.07
CA THR C 6 -42.93 -13.35 23.21
C THR C 6 -41.43 -13.07 23.22
N ALA C 7 -40.85 -12.85 22.04
CA ALA C 7 -39.43 -12.53 21.95
C ALA C 7 -39.12 -11.21 22.64
N SER C 8 -40.02 -10.23 22.49
CA SER C 8 -39.83 -8.95 23.16
C SER C 8 -39.78 -9.09 24.68
N ILE C 9 -40.56 -10.02 25.24
CA ILE C 9 -40.51 -10.25 26.68
C ILE C 9 -39.13 -10.73 27.11
N ALA C 10 -38.56 -11.69 26.37
CA ALA C 10 -37.23 -12.18 26.68
C ALA C 10 -36.18 -11.08 26.53
N GLN C 11 -36.29 -10.27 25.46
CA GLN C 11 -35.35 -9.18 25.27
C GLN C 11 -35.42 -8.18 26.43
N ALA C 12 -36.63 -7.83 26.85
CA ALA C 12 -36.79 -6.89 27.96
C ALA C 12 -36.25 -7.49 29.25
N ARG C 13 -36.47 -8.78 29.48
CA ARG C 13 -35.93 -9.42 30.67
C ARG C 13 -34.41 -9.42 30.67
N LYS C 14 -33.79 -9.71 29.52
CA LYS C 14 -32.33 -9.67 29.42
C LYS C 14 -31.81 -8.27 29.66
N LEU C 15 -32.46 -7.25 29.09
CA LEU C 15 -32.02 -5.88 29.31
C LEU C 15 -32.15 -5.49 30.78
N VAL C 16 -33.24 -5.89 31.43
CA VAL C 16 -33.43 -5.57 32.84
C VAL C 16 -32.36 -6.25 33.68
N GLU C 17 -32.06 -7.51 33.39
CA GLU C 17 -31.00 -8.21 34.14
C GLU C 17 -29.65 -7.55 33.94
N GLN C 18 -29.32 -7.16 32.70
CA GLN C 18 -28.05 -6.50 32.45
C GLN C 18 -27.96 -5.17 33.18
N LEU C 19 -29.04 -4.38 33.15
CA LEU C 19 -29.03 -3.10 33.85
C LEU C 19 -28.91 -3.28 35.35
N LYS C 20 -29.59 -4.28 35.91
CA LYS C 20 -29.46 -4.56 37.33
C LYS C 20 -28.04 -4.95 37.69
N MET C 21 -27.41 -5.79 36.86
CA MET C 21 -26.03 -6.19 37.12
C MET C 21 -25.08 -5.00 37.04
N GLU C 22 -25.29 -4.11 36.07
CA GLU C 22 -24.38 -2.98 35.91
C GLU C 22 -24.58 -1.91 36.98
N ALA C 23 -25.81 -1.76 37.49
CA ALA C 23 -26.09 -0.67 38.42
C ALA C 23 -25.52 -0.92 39.82
N ASN C 24 -25.04 -2.13 40.11
CA ASN C 24 -24.58 -2.48 41.44
C ASN C 24 -23.06 -2.66 41.49
N ILE C 25 -22.30 -1.83 40.80
CA ILE C 25 -20.85 -1.94 40.80
C ILE C 25 -20.26 -0.83 41.67
N ASP C 26 -19.16 -1.15 42.35
CA ASP C 26 -18.50 -0.16 43.19
C ASP C 26 -17.88 0.95 42.33
N ARG C 27 -17.88 2.17 42.86
CA ARG C 27 -17.38 3.33 42.14
C ARG C 27 -16.49 4.16 43.06
N ILE C 28 -15.63 4.97 42.42
CA ILE C 28 -14.75 5.90 43.14
C ILE C 28 -15.05 7.31 42.62
N LYS C 29 -14.30 8.27 43.15
CA LYS C 29 -14.45 9.66 42.74
C LYS C 29 -13.53 9.99 41.58
N VAL C 30 -13.91 11.02 40.82
CA VAL C 30 -13.13 11.43 39.66
C VAL C 30 -11.77 11.96 40.09
N SER C 31 -11.72 12.59 41.27
CA SER C 31 -10.45 13.12 41.76
C SER C 31 -9.43 12.02 41.99
N LYS C 32 -9.85 10.88 42.54
CA LYS C 32 -8.94 9.77 42.74
C LYS C 32 -8.40 9.24 41.42
N ALA C 33 -9.27 9.11 40.41
CA ALA C 33 -8.83 8.63 39.11
C ALA C 33 -7.84 9.60 38.47
N ALA C 34 -8.13 10.91 38.55
CA ALA C 34 -7.22 11.90 37.99
C ALA C 34 -5.87 11.87 38.69
N ALA C 35 -5.88 11.75 40.02
CA ALA C 35 -4.63 11.66 40.77
C ALA C 35 -3.84 10.42 40.39
N ASP C 36 -4.53 9.29 40.22
CA ASP C 36 -3.83 8.06 39.84
C ASP C 36 -3.22 8.19 38.45
N LEU C 37 -3.96 8.76 37.49
CA LEU C 37 -3.42 8.94 36.16
C LEU C 37 -2.21 9.89 36.16
N MET C 38 -2.30 10.98 36.91
CA MET C 38 -1.18 11.91 37.00
C MET C 38 0.03 11.24 37.64
N ALA C 39 -0.18 10.46 38.71
CA ALA C 39 0.93 9.79 39.37
C ALA C 39 1.60 8.78 38.45
N TYR C 40 0.80 8.02 37.70
CA TYR C 40 1.39 7.07 36.76
C TYR C 40 2.15 7.79 35.65
N CYS C 41 1.60 8.89 35.14
CA CYS C 41 2.26 9.62 34.06
C CYS C 41 3.56 10.26 34.53
N GLU C 42 3.61 10.69 35.80
CA GLU C 42 4.83 11.31 36.31
C GLU C 42 5.84 10.26 36.75
N ALA C 43 5.37 9.06 37.08
CA ALA C 43 6.29 8.02 37.53
C ALA C 43 7.17 7.51 36.40
N HIS C 44 6.64 7.48 35.18
CA HIS C 44 7.36 6.97 34.03
C HIS C 44 7.68 8.06 33.00
N ALA C 45 7.74 9.32 33.42
CA ALA C 45 7.99 10.41 32.48
C ALA C 45 9.37 10.31 31.86
N LYS C 46 10.38 9.93 32.65
CA LYS C 46 11.74 9.85 32.14
C LYS C 46 11.98 8.61 31.29
N GLU C 47 11.03 7.68 31.24
CA GLU C 47 11.16 6.47 30.43
C GLU C 47 10.38 6.53 29.14
N ASP C 48 9.91 7.71 28.73
CA ASP C 48 9.15 7.86 27.50
C ASP C 48 10.03 8.52 26.45
N PRO C 49 10.47 7.78 25.43
CA PRO C 49 11.31 8.39 24.38
C PRO C 49 10.63 9.51 23.62
N LEU C 50 9.30 9.49 23.48
CA LEU C 50 8.60 10.52 22.73
C LEU C 50 8.52 11.85 23.45
N LEU C 51 8.32 11.85 24.77
CA LEU C 51 8.31 13.08 25.54
C LEU C 51 9.69 13.71 25.70
N THR C 52 10.71 12.90 25.98
CA THR C 52 12.09 13.37 26.13
C THR C 52 12.87 12.90 24.91
N PRO C 53 13.24 13.81 24.02
CA PRO C 53 13.94 13.41 22.79
C PRO C 53 15.22 12.65 23.10
N VAL C 54 15.46 11.60 22.32
CA VAL C 54 16.56 10.68 22.56
C VAL C 54 17.79 11.17 21.80
N PRO C 55 18.97 11.14 22.39
CA PRO C 55 20.19 11.46 21.63
C PRO C 55 20.38 10.53 20.45
N ALA C 56 20.96 11.07 19.38
CA ALA C 56 21.11 10.31 18.13
C ALA C 56 21.96 9.06 18.35
N SER C 57 22.85 9.08 19.34
CA SER C 57 23.69 7.92 19.61
C SER C 57 22.90 6.77 20.22
N GLU C 58 21.68 7.04 20.70
CA GLU C 58 20.85 6.01 21.32
C GLU C 58 19.61 5.66 20.53
N ASN C 59 19.18 6.52 19.60
CA ASN C 59 17.99 6.25 18.82
C ASN C 59 18.29 5.20 17.76
N PRO C 60 17.56 4.08 17.73
CA PRO C 60 17.82 3.06 16.70
C PRO C 60 17.33 3.44 15.31
N PHE C 61 16.42 4.40 15.20
CA PHE C 61 15.90 4.81 13.90
C PHE C 61 16.67 5.99 13.30
N ARG C 62 17.67 6.52 14.00
CA ARG C 62 18.48 7.62 13.52
C ARG C 62 19.92 7.20 13.21
N GLU C 63 20.60 6.59 14.18
CA GLU C 63 21.96 6.10 13.96
C GLU C 63 22.08 4.64 14.37
N TYR D 36 17.22 49.54 -30.70
CA TYR D 36 17.21 50.44 -29.55
C TYR D 36 15.78 50.66 -29.04
N TYR D 37 14.81 50.14 -29.78
CA TYR D 37 13.41 50.14 -29.36
C TYR D 37 12.87 48.74 -29.19
N ALA D 38 13.58 47.72 -29.69
CA ALA D 38 13.13 46.34 -29.55
C ALA D 38 13.17 45.84 -28.11
N THR D 39 13.80 46.58 -27.19
CA THR D 39 13.76 46.20 -25.78
C THR D 39 12.34 46.11 -25.26
N LEU D 40 11.40 46.85 -25.84
CA LEU D 40 10.00 46.76 -25.45
C LEU D 40 9.42 45.36 -25.68
N LEU D 41 10.05 44.56 -26.53
CA LEU D 41 9.64 43.18 -26.75
C LEU D 41 10.01 42.26 -25.60
N THR D 42 10.92 42.69 -24.72
CA THR D 42 11.29 41.88 -23.57
C THR D 42 10.10 41.58 -22.66
N LEU D 43 9.04 42.37 -22.73
CA LEU D 43 7.83 42.06 -21.98
C LEU D 43 7.31 40.67 -22.33
N LEU D 44 7.43 40.27 -23.60
CA LEU D 44 7.04 38.93 -23.99
C LEU D 44 7.81 37.88 -23.19
N ILE D 45 9.10 38.12 -22.95
CA ILE D 45 9.87 37.24 -22.09
C ILE D 45 9.22 37.15 -20.72
N ALA D 46 8.86 38.30 -20.13
CA ALA D 46 8.22 38.31 -18.83
C ALA D 46 6.92 37.53 -18.85
N VAL D 47 6.33 37.36 -20.03
CA VAL D 47 5.18 36.47 -20.15
C VAL D 47 5.61 35.02 -20.02
N ILE D 48 6.53 34.58 -20.90
CA ILE D 48 6.77 33.16 -21.08
C ILE D 48 7.12 32.49 -19.76
N VAL D 49 8.12 33.04 -19.06
CA VAL D 49 8.52 32.51 -17.76
C VAL D 49 7.29 32.30 -16.88
N PHE D 50 6.54 33.37 -16.62
CA PHE D 50 5.36 33.25 -15.78
C PHE D 50 4.43 32.17 -16.32
N GLY D 51 4.12 32.26 -17.62
CA GLY D 51 3.16 31.34 -18.20
C GLY D 51 3.54 29.89 -17.99
N ASN D 52 4.85 29.62 -17.90
CA ASN D 52 5.27 28.25 -17.68
C ASN D 52 5.47 27.94 -16.20
N VAL D 53 5.97 28.90 -15.42
CA VAL D 53 6.32 28.61 -14.03
C VAL D 53 5.09 28.16 -13.27
N LEU D 54 3.99 28.90 -13.40
CA LEU D 54 2.74 28.49 -12.78
C LEU D 54 2.38 27.07 -13.18
N VAL D 55 2.48 26.75 -14.48
CA VAL D 55 2.17 25.41 -14.94
C VAL D 55 3.04 24.39 -14.21
N CYS D 56 4.34 24.67 -14.12
CA CYS D 56 5.22 23.79 -13.37
C CYS D 56 4.77 23.68 -11.92
N MET D 57 4.43 24.82 -11.32
CA MET D 57 3.93 24.80 -9.94
C MET D 57 2.67 23.95 -9.85
N ALA D 58 1.82 23.99 -10.88
CA ALA D 58 0.56 23.26 -10.84
C ALA D 58 0.80 21.77 -10.71
N VAL D 59 2.00 21.30 -11.03
CA VAL D 59 2.32 19.89 -10.83
C VAL D 59 3.19 19.71 -9.59
N SER D 60 3.98 20.72 -9.24
CA SER D 60 4.83 20.61 -8.06
C SER D 60 4.07 20.80 -6.76
N ARG D 61 3.04 21.64 -6.76
CA ARG D 61 2.29 21.94 -5.55
C ARG D 61 0.92 21.26 -5.51
N GLU D 62 0.60 20.41 -6.49
CA GLU D 62 -0.66 19.69 -6.50
C GLU D 62 -0.39 18.26 -6.95
N LYS D 63 -0.85 17.29 -6.17
CA LYS D 63 -0.63 15.89 -6.47
C LYS D 63 -1.77 15.25 -7.27
N ALA D 64 -2.85 15.99 -7.51
CA ALA D 64 -3.90 15.47 -8.38
C ALA D 64 -3.49 15.52 -9.84
N LEU D 65 -2.61 16.46 -10.19
CA LEU D 65 -2.11 16.60 -11.56
C LEU D 65 -0.76 15.90 -11.72
N GLN D 66 -0.80 14.57 -11.67
CA GLN D 66 0.40 13.75 -11.74
C GLN D 66 0.22 12.58 -12.70
N THR D 67 -0.43 12.83 -13.84
CA THR D 67 -0.60 11.81 -14.87
C THR D 67 0.46 12.01 -15.95
N THR D 68 0.38 11.17 -17.00
CA THR D 68 1.38 11.23 -18.06
C THR D 68 1.23 12.47 -18.92
N THR D 69 0.00 12.84 -19.28
CA THR D 69 -0.20 14.06 -20.07
C THR D 69 0.27 15.28 -19.32
N ASN D 70 0.05 15.32 -18.00
CA ASN D 70 0.56 16.43 -17.21
C ASN D 70 2.09 16.43 -17.18
N TYR D 71 2.72 15.26 -17.23
CA TYR D 71 4.18 15.23 -17.30
C TYR D 71 4.69 15.75 -18.64
N LEU D 72 3.98 15.44 -19.72
CA LEU D 72 4.35 16.01 -21.02
C LEU D 72 4.14 17.52 -21.02
N ILE D 73 3.09 17.99 -20.35
CA ILE D 73 2.89 19.44 -20.20
C ILE D 73 4.03 20.06 -19.40
N VAL D 74 4.51 19.34 -18.39
CA VAL D 74 5.67 19.82 -17.62
C VAL D 74 6.90 19.92 -18.52
N SER D 75 7.10 18.92 -19.38
CA SER D 75 8.22 18.98 -20.31
C SER D 75 8.12 20.18 -21.24
N LEU D 76 6.92 20.44 -21.77
CA LEU D 76 6.72 21.60 -22.63
C LEU D 76 6.99 22.89 -21.86
N ALA D 77 6.53 22.97 -20.62
CA ALA D 77 6.76 24.16 -19.81
C ALA D 77 8.24 24.37 -19.55
N VAL D 78 8.97 23.29 -19.27
CA VAL D 78 10.41 23.39 -19.04
C VAL D 78 11.12 23.88 -20.30
N ALA D 79 10.73 23.34 -21.47
CA ALA D 79 11.34 23.77 -22.72
C ALA D 79 11.08 25.26 -22.97
N ASP D 80 9.84 25.71 -22.75
CA ASP D 80 9.53 27.12 -22.97
C ASP D 80 10.25 28.02 -21.96
N LEU D 81 10.36 27.58 -20.71
CA LEU D 81 11.10 28.37 -19.73
C LEU D 81 12.58 28.47 -20.11
N LEU D 82 13.16 27.38 -20.62
CA LEU D 82 14.55 27.44 -21.06
C LEU D 82 14.72 28.38 -22.25
N VAL D 83 13.79 28.33 -23.21
CA VAL D 83 13.91 29.23 -24.36
C VAL D 83 13.69 30.69 -23.93
N ALA D 84 12.91 30.90 -22.86
CA ALA D 84 12.68 32.26 -22.38
C ALA D 84 13.88 32.80 -21.64
N THR D 85 14.51 31.98 -20.80
CA THR D 85 15.59 32.45 -19.95
C THR D 85 16.98 32.18 -20.51
N LEU D 86 17.09 31.60 -21.71
CA LEU D 86 18.39 31.24 -22.25
C LEU D 86 18.65 31.83 -23.63
N VAL D 87 17.60 32.03 -24.43
CA VAL D 87 17.73 32.48 -25.81
C VAL D 87 17.09 33.85 -26.02
N MET D 88 15.94 34.08 -25.40
CA MET D 88 15.19 35.32 -25.64
C MET D 88 15.98 36.60 -25.33
N PRO D 89 16.70 36.73 -24.20
CA PRO D 89 17.49 37.95 -24.01
C PRO D 89 18.51 38.20 -25.12
N TRP D 90 19.11 37.15 -25.66
CA TRP D 90 20.10 37.32 -26.72
C TRP D 90 19.49 37.64 -28.07
N VAL D 91 18.31 37.11 -28.38
CA VAL D 91 17.63 37.55 -29.60
C VAL D 91 17.19 39.01 -29.45
N VAL D 92 16.79 39.40 -28.25
CA VAL D 92 16.48 40.81 -28.00
C VAL D 92 17.70 41.67 -28.22
N TYR D 93 18.85 41.23 -27.71
CA TYR D 93 20.10 41.98 -27.93
C TYR D 93 20.41 42.10 -29.41
N LEU D 94 20.41 40.98 -30.15
CA LEU D 94 20.78 41.01 -31.55
C LEU D 94 19.75 41.77 -32.40
N GLU D 95 18.53 41.95 -31.90
CA GLU D 95 17.58 42.76 -32.65
C GLU D 95 17.67 44.24 -32.28
N VAL D 96 18.03 44.55 -31.04
CA VAL D 96 18.17 45.94 -30.63
C VAL D 96 19.35 46.60 -31.34
N VAL D 97 20.50 45.93 -31.35
CA VAL D 97 21.72 46.46 -31.93
C VAL D 97 22.10 45.61 -33.13
N GLY D 98 22.49 46.28 -34.22
CA GLY D 98 22.92 45.55 -35.41
C GLY D 98 24.17 44.73 -35.17
N GLU D 99 25.03 45.18 -34.27
CA GLU D 99 26.27 44.49 -33.95
C GLU D 99 26.27 44.14 -32.47
N TRP D 100 26.40 42.85 -32.17
CA TRP D 100 26.52 42.36 -30.80
C TRP D 100 27.95 41.86 -30.62
N LYS D 101 28.78 42.67 -29.97
CA LYS D 101 30.23 42.43 -29.89
C LYS D 101 30.51 41.30 -28.89
N PHE D 102 30.29 40.07 -29.36
CA PHE D 102 30.58 38.88 -28.58
C PHE D 102 31.33 37.86 -29.44
N SER D 103 31.83 36.83 -28.77
CA SER D 103 32.68 35.85 -29.43
C SER D 103 31.87 34.99 -30.39
N ARG D 104 32.57 34.42 -31.37
CA ARG D 104 31.91 33.59 -32.38
C ARG D 104 31.33 32.32 -31.78
N ILE D 105 32.08 31.64 -30.93
CA ILE D 105 31.57 30.41 -30.30
C ILE D 105 30.36 30.74 -29.43
N HIS D 106 30.34 31.94 -28.84
CA HIS D 106 29.19 32.35 -28.03
C HIS D 106 27.91 32.40 -28.85
N CYS D 107 27.97 33.08 -30.01
CA CYS D 107 26.79 33.15 -30.86
C CYS D 107 26.43 31.79 -31.45
N ASP D 108 27.43 30.95 -31.74
CA ASP D 108 27.14 29.61 -32.21
C ASP D 108 26.39 28.81 -31.14
N ILE D 109 26.83 28.90 -29.89
CA ILE D 109 26.13 28.23 -28.79
C ILE D 109 24.72 28.77 -28.65
N PHE D 110 24.56 30.09 -28.77
CA PHE D 110 23.23 30.69 -28.67
C PHE D 110 22.29 30.16 -29.74
N VAL D 111 22.78 30.07 -30.98
CA VAL D 111 21.95 29.55 -32.07
C VAL D 111 21.60 28.08 -31.83
N THR D 112 22.58 27.29 -31.38
CA THR D 112 22.33 25.89 -31.07
C THR D 112 21.24 25.75 -30.01
N LEU D 113 21.32 26.56 -28.96
CA LEU D 113 20.32 26.51 -27.90
C LEU D 113 18.95 26.91 -28.43
N ASP D 114 18.88 27.94 -29.28
CA ASP D 114 17.61 28.34 -29.87
C ASP D 114 16.97 27.19 -30.64
N VAL D 115 17.75 26.56 -31.52
CA VAL D 115 17.21 25.47 -32.33
C VAL D 115 16.76 24.31 -31.44
N MET D 116 17.57 23.96 -30.43
CA MET D 116 17.21 22.87 -29.54
C MET D 116 15.92 23.17 -28.80
N MET D 117 15.73 24.39 -28.31
CA MET D 117 14.51 24.68 -27.54
C MET D 117 13.27 24.69 -28.43
N CYS D 118 13.38 25.26 -29.64
CA CYS D 118 12.23 25.24 -30.54
C CYS D 118 11.85 23.82 -30.92
N THR D 119 12.84 22.99 -31.25
CA THR D 119 12.55 21.60 -31.59
C THR D 119 11.96 20.87 -30.41
N ALA D 120 12.46 21.13 -29.20
CA ALA D 120 11.90 20.49 -28.01
C ALA D 120 10.44 20.84 -27.82
N SER D 121 10.09 22.12 -28.00
CA SER D 121 8.69 22.53 -27.84
C SER D 121 7.79 21.84 -28.87
N ILE D 122 8.20 21.84 -30.14
CA ILE D 122 7.35 21.23 -31.17
C ILE D 122 7.20 19.74 -30.93
N LEU D 123 8.30 19.05 -30.60
CA LEU D 123 8.21 17.62 -30.35
C LEU D 123 7.40 17.30 -29.10
N ASN D 124 7.40 18.21 -28.11
CA ASN D 124 6.52 18.03 -26.97
C ASN D 124 5.05 18.13 -27.38
N LEU D 125 4.73 19.04 -28.29
CA LEU D 125 3.37 19.09 -28.81
C LEU D 125 2.99 17.77 -29.49
N CYS D 126 3.92 17.24 -30.29
CA CYS D 126 3.65 15.96 -30.95
C CYS D 126 3.47 14.83 -29.95
N ALA D 127 4.26 14.83 -28.87
CA ALA D 127 4.13 13.83 -27.83
C ALA D 127 2.77 13.92 -27.15
N ILE D 128 2.29 15.14 -26.89
CA ILE D 128 0.96 15.30 -26.32
C ILE D 128 -0.09 14.73 -27.26
N SER D 129 0.04 15.01 -28.56
CA SER D 129 -0.93 14.50 -29.52
C SER D 129 -0.94 12.98 -29.55
N ILE D 130 0.24 12.36 -29.58
CA ILE D 130 0.29 10.89 -29.64
C ILE D 130 -0.21 10.28 -28.34
N ASP D 131 0.02 10.95 -27.20
CA ASP D 131 -0.53 10.45 -25.94
C ASP D 131 -2.04 10.50 -25.92
N ARG D 132 -2.63 11.57 -26.47
CA ARG D 132 -4.09 11.64 -26.54
C ARG D 132 -4.66 10.58 -27.47
N TYR D 133 -3.98 10.31 -28.58
CA TYR D 133 -4.42 9.23 -29.46
C TYR D 133 -4.32 7.88 -28.76
N THR D 134 -3.27 7.67 -27.97
CA THR D 134 -3.16 6.44 -27.18
C THR D 134 -4.30 6.33 -26.18
N ALA D 135 -4.67 7.45 -25.56
CA ALA D 135 -5.78 7.44 -24.62
C ALA D 135 -7.10 7.08 -25.28
N VAL D 136 -7.36 7.61 -26.46
CA VAL D 136 -8.64 7.40 -27.14
C VAL D 136 -8.70 6.03 -27.83
N ALA D 137 -7.79 5.78 -28.76
CA ALA D 137 -7.88 4.58 -29.59
C ALA D 137 -7.59 3.31 -28.82
N MET D 138 -6.75 3.38 -27.78
CA MET D 138 -6.38 2.20 -26.99
C MET D 138 -6.63 2.50 -25.51
N PRO D 139 -7.90 2.54 -25.11
CA PRO D 139 -8.21 2.95 -23.73
C PRO D 139 -7.65 2.05 -22.65
N MET D 140 -7.56 0.74 -22.89
CA MET D 140 -7.06 -0.18 -21.88
C MET D 140 -5.60 0.06 -21.52
N LEU D 141 -4.75 0.32 -22.50
CA LEU D 141 -3.33 0.56 -22.25
C LEU D 141 -3.07 1.88 -21.55
N TYR D 142 -3.84 2.92 -21.87
CA TYR D 142 -3.64 4.22 -21.26
C TYR D 142 -3.96 4.19 -19.77
N ASN D 143 -5.01 3.47 -19.39
CA ASN D 143 -5.46 3.42 -18.00
C ASN D 143 -4.75 2.26 -17.29
N THR D 144 -3.46 2.47 -17.03
CA THR D 144 -2.63 1.50 -16.32
C THR D 144 -1.68 2.25 -15.39
N ARG D 145 -0.94 1.49 -14.59
CA ARG D 145 -0.03 2.06 -13.61
C ARG D 145 1.44 1.88 -13.96
N TYR D 146 1.77 0.99 -14.89
CA TYR D 146 3.16 0.68 -15.21
C TYR D 146 3.53 1.07 -16.64
N SER D 147 2.72 0.69 -17.63
CA SER D 147 3.06 1.03 -19.01
C SER D 147 2.94 2.52 -19.30
N SER D 148 2.07 3.24 -18.58
CA SER D 148 1.94 4.67 -18.79
C SER D 148 3.20 5.43 -18.40
N LYS D 149 3.80 5.06 -17.27
CA LYS D 149 5.06 5.68 -16.86
C LYS D 149 6.18 5.39 -17.86
N ARG D 150 6.24 4.16 -18.37
CA ARG D 150 7.21 3.84 -19.40
C ARG D 150 6.99 4.68 -20.64
N ARG D 151 5.71 4.84 -21.02
CA ARG D 151 5.39 5.62 -22.25
C ARG D 151 5.86 7.07 -22.06
N VAL D 152 5.51 7.68 -20.93
CA VAL D 152 5.83 9.09 -20.75
C VAL D 152 7.33 9.29 -20.64
N THR D 153 8.04 8.41 -19.92
CA THR D 153 9.49 8.53 -19.84
C THR D 153 10.15 8.38 -21.19
N VAL D 154 9.72 7.38 -21.97
CA VAL D 154 10.30 7.16 -23.28
C VAL D 154 10.03 8.35 -24.20
N MET D 155 8.80 8.88 -24.16
CA MET D 155 8.47 10.01 -25.03
C MET D 155 9.27 11.26 -24.67
N ILE D 156 9.39 11.57 -23.38
CA ILE D 156 10.18 12.74 -22.99
C ILE D 156 11.64 12.55 -23.39
N SER D 157 12.19 11.35 -23.13
CA SER D 157 13.58 11.09 -23.47
C SER D 157 13.83 11.22 -24.97
N ILE D 158 12.93 10.64 -25.78
CA ILE D 158 13.14 10.68 -27.22
C ILE D 158 12.97 12.10 -27.74
N VAL D 159 12.05 12.88 -27.16
CA VAL D 159 11.88 14.26 -27.60
C VAL D 159 13.16 15.06 -27.35
N TRP D 160 13.69 14.98 -26.12
CA TRP D 160 14.90 15.75 -25.82
C TRP D 160 16.10 15.24 -26.59
N VAL D 161 16.22 13.92 -26.79
CA VAL D 161 17.34 13.36 -27.53
C VAL D 161 17.29 13.79 -28.98
N LEU D 162 16.10 13.78 -29.59
CA LEU D 162 15.97 14.25 -30.96
C LEU D 162 16.30 15.73 -31.06
N SER D 163 15.87 16.52 -30.07
CA SER D 163 16.21 17.94 -30.08
C SER D 163 17.72 18.15 -30.03
N PHE D 164 18.40 17.42 -29.15
CA PHE D 164 19.86 17.54 -29.06
C PHE D 164 20.53 17.08 -30.35
N THR D 165 20.04 15.99 -30.93
CA THR D 165 20.62 15.47 -32.16
C THR D 165 20.48 16.47 -33.31
N ILE D 166 19.31 17.08 -33.44
CA ILE D 166 19.10 18.02 -34.54
C ILE D 166 19.86 19.32 -34.30
N SER D 167 20.09 19.67 -33.03
CA SER D 167 20.83 20.89 -32.74
C SER D 167 22.34 20.69 -32.70
N CYS D 168 22.81 19.44 -32.70
CA CYS D 168 24.24 19.17 -32.62
C CYS D 168 25.06 19.76 -33.77
N PRO D 169 24.70 19.63 -35.04
CA PRO D 169 25.61 20.08 -36.12
C PRO D 169 25.92 21.56 -36.09
N LEU D 170 25.10 22.39 -35.46
CA LEU D 170 25.31 23.83 -35.45
C LEU D 170 26.51 24.27 -34.61
N LEU D 171 27.08 23.38 -33.80
CA LEU D 171 28.13 23.79 -32.88
C LEU D 171 29.49 23.96 -33.56
N PHE D 172 29.64 23.56 -34.82
CA PHE D 172 30.94 23.65 -35.46
C PHE D 172 30.78 23.59 -36.97
N GLY D 173 31.64 24.33 -37.66
CA GLY D 173 31.81 24.21 -39.10
C GLY D 173 30.78 24.91 -39.97
N LEU D 174 29.53 24.45 -39.93
CA LEU D 174 28.57 24.85 -40.95
C LEU D 174 27.89 26.18 -40.63
N ASN D 175 28.23 26.82 -39.51
CA ASN D 175 27.61 28.09 -39.18
C ASN D 175 27.94 29.16 -40.23
N ASN D 176 29.21 29.26 -40.62
CA ASN D 176 29.66 30.21 -41.63
C ASN D 176 29.24 31.63 -41.27
N ALA D 177 29.74 32.12 -40.14
CA ALA D 177 29.37 33.45 -39.68
C ALA D 177 30.09 34.52 -40.48
N ASP D 178 29.30 35.40 -41.11
CA ASP D 178 29.83 36.51 -41.90
C ASP D 178 29.97 37.71 -40.97
N GLN D 179 31.22 38.07 -40.66
CA GLN D 179 31.53 39.18 -39.77
C GLN D 179 30.87 39.00 -38.41
N ASN D 180 30.05 39.98 -38.00
CA ASN D 180 29.37 39.94 -36.71
C ASN D 180 27.97 39.35 -36.80
N GLU D 181 27.58 38.84 -37.96
CA GLU D 181 26.25 38.27 -38.16
C GLU D 181 26.35 36.76 -38.05
N CYS D 182 25.56 36.17 -37.15
CA CYS D 182 25.60 34.73 -36.88
C CYS D 182 24.31 34.03 -37.30
N ILE D 183 23.66 34.48 -38.37
CA ILE D 183 22.49 33.78 -38.86
C ILE D 183 22.94 32.57 -39.68
N ILE D 184 22.23 31.45 -39.52
CA ILE D 184 22.59 30.19 -40.16
C ILE D 184 21.91 30.14 -41.52
N ALA D 185 22.71 30.14 -42.58
CA ALA D 185 22.18 30.13 -43.94
C ALA D 185 22.77 28.98 -44.75
N ASN D 186 23.25 27.95 -44.08
CA ASN D 186 23.78 26.76 -44.75
C ASN D 186 22.61 25.92 -45.23
N PRO D 187 22.33 25.89 -46.54
CA PRO D 187 21.12 25.22 -47.03
C PRO D 187 21.04 23.75 -46.65
N ALA D 188 22.18 23.04 -46.69
CA ALA D 188 22.19 21.63 -46.36
C ALA D 188 21.73 21.38 -44.93
N PHE D 189 21.86 22.39 -44.06
CA PHE D 189 21.28 22.29 -42.73
C PHE D 189 19.95 23.01 -42.59
N VAL D 190 19.73 24.10 -43.33
CA VAL D 190 18.46 24.81 -43.21
C VAL D 190 17.30 23.92 -43.63
N VAL D 191 17.41 23.28 -44.80
CA VAL D 191 16.33 22.41 -45.27
C VAL D 191 16.20 21.19 -44.36
N TYR D 192 17.34 20.61 -43.96
CA TYR D 192 17.32 19.42 -43.13
C TYR D 192 16.65 19.68 -41.79
N SER D 193 16.99 20.79 -41.14
CA SER D 193 16.39 21.13 -39.85
C SER D 193 14.94 21.56 -40.01
N SER D 194 14.59 22.21 -41.12
CA SER D 194 13.19 22.54 -41.37
C SER D 194 12.35 21.28 -41.51
N ILE D 195 12.89 20.26 -42.19
CA ILE D 195 12.17 19.00 -42.34
C ILE D 195 12.06 18.29 -41.00
N VAL D 196 13.15 18.22 -40.25
CA VAL D 196 13.16 17.45 -39.01
C VAL D 196 12.29 18.10 -37.95
N SER D 197 12.30 19.43 -37.87
CA SER D 197 11.70 20.10 -36.73
C SER D 197 10.24 20.46 -36.94
N PHE D 198 9.81 20.73 -38.16
CA PHE D 198 8.45 21.20 -38.35
C PHE D 198 7.57 20.31 -39.21
N TYR D 199 8.03 19.98 -40.43
CA TYR D 199 7.13 19.38 -41.41
C TYR D 199 6.68 17.98 -41.00
N VAL D 200 7.62 17.12 -40.62
CA VAL D 200 7.26 15.78 -40.16
C VAL D 200 6.43 15.88 -38.88
N PRO D 201 6.81 16.69 -37.89
CA PRO D 201 5.89 16.92 -36.76
C PRO D 201 4.54 17.47 -37.18
N PHE D 202 4.51 18.33 -38.19
CA PHE D 202 3.25 18.91 -38.65
C PHE D 202 2.32 17.84 -39.19
N ILE D 203 2.83 16.98 -40.07
CA ILE D 203 1.98 15.93 -40.64
C ILE D 203 1.60 14.91 -39.57
N VAL D 204 2.49 14.64 -38.61
CA VAL D 204 2.17 13.69 -37.54
C VAL D 204 1.01 14.22 -36.70
N THR D 205 1.10 15.49 -36.29
CA THR D 205 0.03 16.07 -35.47
C THR D 205 -1.27 16.14 -36.26
N LEU D 206 -1.20 16.54 -37.53
CA LEU D 206 -2.40 16.58 -38.36
C LEU D 206 -3.08 15.23 -38.42
N LEU D 207 -2.32 14.18 -38.77
CA LEU D 207 -2.91 12.86 -38.89
C LEU D 207 -3.48 12.38 -37.56
N VAL D 208 -2.75 12.59 -36.46
CA VAL D 208 -3.21 12.07 -35.17
C VAL D 208 -4.48 12.77 -34.72
N TYR D 209 -4.54 14.10 -34.86
CA TYR D 209 -5.75 14.79 -34.44
C TYR D 209 -6.93 14.50 -35.37
N ILE D 210 -6.67 14.32 -36.67
CA ILE D 210 -7.74 13.93 -37.58
C ILE D 210 -8.30 12.56 -37.18
N LYS D 211 -7.41 11.62 -36.85
CA LYS D 211 -7.87 10.31 -36.40
C LYS D 211 -8.66 10.40 -35.11
N ILE D 212 -8.21 11.24 -34.17
CA ILE D 212 -8.95 11.39 -32.92
C ILE D 212 -10.34 11.94 -33.17
N TYR D 213 -10.44 12.96 -34.02
CA TYR D 213 -11.75 13.54 -34.32
C TYR D 213 -12.64 12.52 -35.01
N ILE D 214 -12.09 11.75 -35.95
CA ILE D 214 -12.87 10.74 -36.64
C ILE D 214 -13.39 9.70 -35.64
N VAL D 215 -12.53 9.24 -34.73
CA VAL D 215 -12.95 8.23 -33.76
C VAL D 215 -14.04 8.77 -32.85
N LEU D 216 -13.87 10.00 -32.36
CA LEU D 216 -14.90 10.57 -31.48
C LEU D 216 -16.22 10.77 -32.23
N ARG D 217 -16.15 11.21 -33.49
CA ARG D 217 -17.36 11.39 -34.28
C ARG D 217 -18.08 10.05 -34.50
N ARG D 218 -17.29 9.02 -34.81
CA ARG D 218 -17.88 7.67 -34.99
C ARG D 218 -18.57 7.26 -33.70
N ARG D 219 -17.87 7.38 -32.57
CA ARG D 219 -18.41 6.93 -31.29
C ARG D 219 -19.68 7.69 -30.94
N ARG D 220 -19.71 9.00 -31.21
CA ARG D 220 -20.92 9.78 -30.92
C ARG D 220 -22.06 9.41 -31.85
N LYS D 221 -21.74 9.09 -33.11
CA LYS D 221 -22.77 8.63 -34.03
C LYS D 221 -23.37 7.31 -33.56
N ARG D 222 -22.53 6.40 -33.07
CA ARG D 222 -23.03 5.11 -32.59
C ARG D 222 -23.78 5.23 -31.27
N VAL D 223 -23.40 6.19 -30.42
CA VAL D 223 -24.01 6.31 -29.09
C VAL D 223 -25.18 7.29 -29.11
N ASN D 224 -24.98 8.44 -29.74
CA ASN D 224 -25.99 9.51 -29.77
C ASN D 224 -26.40 9.95 -28.37
N ARG D 361 -28.61 15.25 -20.44
CA ARG D 361 -28.79 14.81 -21.82
C ARG D 361 -28.18 15.80 -22.80
N LYS D 362 -28.20 17.09 -22.40
CA LYS D 362 -27.64 18.13 -23.25
C LYS D 362 -26.13 18.23 -23.13
N LEU D 363 -25.53 17.60 -22.12
CA LEU D 363 -24.11 17.76 -21.89
C LEU D 363 -23.25 16.94 -22.85
N SER D 364 -23.81 15.90 -23.47
CA SER D 364 -23.03 15.11 -24.43
C SER D 364 -22.66 15.93 -25.65
N GLN D 365 -23.61 16.73 -26.16
CA GLN D 365 -23.31 17.62 -27.27
C GLN D 365 -22.26 18.64 -26.88
N GLN D 366 -22.34 19.18 -25.67
CA GLN D 366 -21.32 20.11 -25.19
C GLN D 366 -19.95 19.45 -25.13
N LYS D 367 -19.89 18.21 -24.64
CA LYS D 367 -18.61 17.51 -24.57
C LYS D 367 -18.01 17.30 -25.95
N GLU D 368 -18.82 16.82 -26.90
CA GLU D 368 -18.31 16.60 -28.25
C GLU D 368 -17.85 17.90 -28.90
N LYS D 369 -18.65 18.96 -28.77
CA LYS D 369 -18.28 20.24 -29.35
C LYS D 369 -17.01 20.80 -28.71
N LYS D 370 -16.87 20.66 -27.39
CA LYS D 370 -15.68 21.19 -26.73
C LYS D 370 -14.44 20.38 -27.11
N ALA D 371 -14.56 19.07 -27.27
CA ALA D 371 -13.42 18.29 -27.74
C ALA D 371 -13.01 18.71 -29.14
N THR D 372 -13.98 18.89 -30.04
CA THR D 372 -13.65 19.32 -31.39
C THR D 372 -13.03 20.72 -31.37
N GLN D 373 -13.55 21.60 -30.53
CA GLN D 373 -13.02 22.96 -30.44
C GLN D 373 -11.59 22.95 -29.91
N MET D 374 -11.29 22.09 -28.93
CA MET D 374 -9.93 22.00 -28.43
C MET D 374 -8.97 21.48 -29.50
N LEU D 375 -9.36 20.44 -30.23
CA LEU D 375 -8.52 19.97 -31.32
C LEU D 375 -8.26 21.09 -32.32
N ALA D 376 -9.33 21.80 -32.71
CA ALA D 376 -9.20 22.85 -33.71
C ALA D 376 -8.32 23.99 -33.21
N ILE D 377 -8.48 24.39 -31.95
CA ILE D 377 -7.71 25.52 -31.44
C ILE D 377 -6.24 25.15 -31.31
N VAL D 378 -5.94 23.92 -30.87
CA VAL D 378 -4.55 23.50 -30.79
C VAL D 378 -3.90 23.49 -32.18
N LEU D 379 -4.57 22.88 -33.15
CA LEU D 379 -4.01 22.84 -34.50
C LEU D 379 -3.85 24.24 -35.06
N GLY D 380 -4.84 25.10 -34.87
CA GLY D 380 -4.80 26.44 -35.39
C GLY D 380 -3.68 27.28 -34.80
N VAL D 381 -3.52 27.24 -33.47
CA VAL D 381 -2.43 27.99 -32.84
C VAL D 381 -1.08 27.50 -33.34
N PHE D 382 -0.87 26.17 -33.31
CA PHE D 382 0.40 25.62 -33.76
C PHE D 382 0.72 26.05 -35.19
N ILE D 383 -0.24 25.87 -36.11
CA ILE D 383 0.01 26.21 -37.51
C ILE D 383 0.24 27.70 -37.68
N ILE D 384 -0.65 28.54 -37.14
CA ILE D 384 -0.60 29.96 -37.42
C ILE D 384 0.59 30.61 -36.73
N CYS D 385 1.19 29.94 -35.76
CA CYS D 385 2.33 30.54 -35.08
C CYS D 385 3.65 29.88 -35.47
N TRP D 386 3.61 28.80 -36.27
CA TRP D 386 4.89 28.26 -36.69
C TRP D 386 5.08 28.22 -38.22
N LEU D 387 4.04 27.89 -38.98
CA LEU D 387 4.19 27.60 -40.40
C LEU D 387 4.80 28.73 -41.23
N PRO D 388 4.36 30.00 -41.12
CA PRO D 388 4.95 31.04 -41.97
C PRO D 388 6.45 31.21 -41.79
N PHE D 389 6.96 31.02 -40.57
CA PHE D 389 8.40 31.14 -40.35
C PHE D 389 9.16 30.10 -41.16
N PHE D 390 8.66 28.86 -41.19
CA PHE D 390 9.38 27.82 -41.93
C PHE D 390 9.19 27.96 -43.43
N ILE D 391 8.05 28.48 -43.87
CA ILE D 391 7.90 28.81 -45.28
C ILE D 391 8.94 29.85 -45.69
N THR D 392 9.09 30.90 -44.88
CA THR D 392 10.12 31.90 -45.13
C THR D 392 11.51 31.28 -45.07
N HIS D 393 11.71 30.34 -44.16
CA HIS D 393 13.06 29.73 -43.98
C HIS D 393 13.43 28.97 -45.25
N ILE D 394 12.49 28.25 -45.83
CA ILE D 394 12.78 27.52 -47.07
C ILE D 394 12.99 28.50 -48.22
N LEU D 395 12.08 29.47 -48.37
CA LEU D 395 12.16 30.39 -49.51
C LEU D 395 13.41 31.26 -49.45
N ASN D 396 13.92 31.54 -48.25
CA ASN D 396 15.05 32.45 -48.10
C ASN D 396 16.30 31.91 -48.76
N ILE D 397 16.52 30.60 -48.71
CA ILE D 397 17.70 30.00 -49.34
C ILE D 397 17.37 29.46 -50.72
N HIS D 398 16.15 28.96 -50.93
CA HIS D 398 15.82 28.32 -52.20
C HIS D 398 15.14 29.25 -53.20
N CYS D 399 14.92 30.51 -52.85
CA CYS D 399 14.31 31.48 -53.75
C CYS D 399 14.97 32.85 -53.59
N ASP D 400 14.72 33.70 -54.58
CA ASP D 400 15.23 35.07 -54.61
C ASP D 400 14.16 36.10 -54.25
N CYS D 401 13.13 35.69 -53.51
CA CYS D 401 12.06 36.60 -53.14
C CYS D 401 12.58 37.71 -52.24
N ASN D 402 12.00 38.90 -52.38
CA ASN D 402 12.37 40.04 -51.55
C ASN D 402 11.92 39.77 -50.11
N ILE D 403 12.87 39.45 -49.25
CA ILE D 403 12.59 39.10 -47.86
C ILE D 403 13.25 40.12 -46.95
N PRO D 404 12.51 41.11 -46.44
CA PRO D 404 13.11 42.05 -45.49
C PRO D 404 13.52 41.32 -44.22
N PRO D 405 14.61 41.77 -43.58
CA PRO D 405 14.95 41.19 -42.27
C PRO D 405 13.86 41.38 -41.23
N VAL D 406 13.06 42.43 -41.36
CA VAL D 406 11.95 42.65 -40.44
C VAL D 406 10.93 41.52 -40.57
N LEU D 407 10.73 41.00 -41.78
CA LEU D 407 9.82 39.89 -41.99
C LEU D 407 10.29 38.64 -41.24
N TYR D 408 11.58 38.30 -41.37
CA TYR D 408 12.13 37.16 -40.65
C TYR D 408 12.02 37.37 -39.15
N SER D 409 12.30 38.59 -38.69
CA SER D 409 12.19 38.89 -37.27
C SER D 409 10.76 38.70 -36.79
N ALA D 410 9.78 39.20 -37.55
CA ALA D 410 8.39 39.08 -37.15
C ALA D 410 7.96 37.62 -37.08
N PHE D 411 8.40 36.80 -38.04
CA PHE D 411 8.00 35.41 -38.00
C PHE D 411 8.65 34.65 -36.86
N THR D 412 9.93 34.90 -36.58
CA THR D 412 10.56 34.26 -35.43
C THR D 412 9.92 34.71 -34.13
N TRP D 413 9.52 35.99 -34.05
CA TRP D 413 8.82 36.47 -32.87
C TRP D 413 7.44 35.84 -32.73
N LEU D 414 6.79 35.54 -33.86
CA LEU D 414 5.55 34.78 -33.80
C LEU D 414 5.78 33.39 -33.24
N GLY D 415 6.88 32.75 -33.64
CA GLY D 415 7.23 31.46 -33.05
C GLY D 415 7.43 31.55 -31.54
N TYR D 416 8.12 32.59 -31.10
CA TYR D 416 8.28 32.80 -29.67
C TYR D 416 6.94 33.09 -28.99
N VAL D 417 6.03 33.77 -29.68
CA VAL D 417 4.69 33.99 -29.14
C VAL D 417 3.95 32.66 -28.97
N ASN D 418 4.16 31.73 -29.91
CA ASN D 418 3.63 30.39 -29.74
C ASN D 418 4.20 29.73 -28.48
N SER D 419 5.52 29.86 -28.30
CA SER D 419 6.14 29.31 -27.10
C SER D 419 5.53 29.92 -25.85
N ALA D 420 5.14 31.19 -25.91
CA ALA D 420 4.51 31.85 -24.78
C ALA D 420 3.06 31.40 -24.56
N VAL D 421 2.33 31.18 -25.65
CA VAL D 421 0.89 30.94 -25.56
C VAL D 421 0.57 29.48 -25.24
N ASN D 422 1.46 28.55 -25.58
CA ASN D 422 1.21 27.12 -25.34
C ASN D 422 0.74 26.78 -23.92
N PRO D 423 1.34 27.29 -22.84
CA PRO D 423 0.83 26.94 -21.51
C PRO D 423 -0.63 27.34 -21.29
N ILE D 424 -1.06 28.48 -21.80
CA ILE D 424 -2.45 28.89 -21.62
C ILE D 424 -3.40 27.93 -22.35
N ILE D 425 -3.10 27.65 -23.61
CA ILE D 425 -4.00 26.80 -24.39
C ILE D 425 -3.98 25.36 -23.88
N TYR D 426 -2.90 24.96 -23.21
CA TYR D 426 -2.81 23.58 -22.73
C TYR D 426 -3.22 23.42 -21.27
N THR D 427 -3.39 24.51 -20.52
CA THR D 427 -3.73 24.38 -19.10
C THR D 427 -4.93 25.21 -18.66
N THR D 428 -5.58 25.94 -19.57
CA THR D 428 -6.76 26.70 -19.19
C THR D 428 -8.06 25.98 -19.52
N PHE D 429 -8.00 24.76 -20.05
CA PHE D 429 -9.20 23.98 -20.32
C PHE D 429 -9.30 22.72 -19.47
N ASN D 430 -8.40 22.55 -18.51
CA ASN D 430 -8.46 21.46 -17.55
C ASN D 430 -8.90 22.04 -16.21
N ILE D 431 -10.00 21.51 -15.67
CA ILE D 431 -10.58 22.06 -14.45
C ILE D 431 -9.61 21.90 -13.28
N GLU D 432 -8.91 20.77 -13.22
CA GLU D 432 -7.91 20.57 -12.17
C GLU D 432 -6.80 21.60 -12.27
N PHE D 433 -6.36 21.91 -13.49
CA PHE D 433 -5.36 22.96 -13.67
C PHE D 433 -5.90 24.32 -13.22
N ARG D 434 -7.17 24.60 -13.52
CA ARG D 434 -7.77 25.85 -13.05
C ARG D 434 -7.76 25.94 -11.54
N LYS D 435 -8.15 24.85 -10.86
CA LYS D 435 -8.17 24.86 -9.40
C LYS D 435 -6.76 25.01 -8.84
N ALA D 436 -5.78 24.34 -9.45
CA ALA D 436 -4.41 24.48 -9.00
C ALA D 436 -3.92 25.92 -9.17
N PHE D 437 -4.23 26.54 -10.31
CA PHE D 437 -3.85 27.93 -10.52
C PHE D 437 -4.49 28.84 -9.49
N LEU D 438 -5.79 28.65 -9.21
CA LEU D 438 -6.48 29.50 -8.25
C LEU D 438 -5.89 29.34 -6.85
N LYS D 439 -5.60 28.10 -6.45
CA LYS D 439 -5.03 27.88 -5.12
C LYS D 439 -3.62 28.45 -5.02
N ILE D 440 -2.79 28.25 -6.05
CA ILE D 440 -1.42 28.72 -5.99
C ILE D 440 -1.36 30.24 -6.06
N LEU D 441 -2.12 30.84 -6.97
CA LEU D 441 -2.09 32.29 -7.13
C LEU D 441 -2.94 32.98 -6.07
N LEU E 5 27.89 -3.75 6.28
CA LEU E 5 26.89 -4.80 6.34
C LEU E 5 27.54 -6.18 6.41
N SER E 6 27.06 -6.99 7.35
CA SER E 6 27.51 -8.37 7.46
C SER E 6 26.90 -9.22 6.35
N ALA E 7 27.34 -10.47 6.28
CA ALA E 7 26.83 -11.37 5.24
C ALA E 7 25.35 -11.63 5.40
N GLU E 8 24.90 -11.82 6.64
CA GLU E 8 23.48 -12.08 6.88
C GLU E 8 22.62 -10.87 6.50
N GLU E 9 23.11 -9.66 6.77
CA GLU E 9 22.36 -8.47 6.37
C GLU E 9 22.28 -8.34 4.86
N ARG E 10 23.36 -8.66 4.15
CA ARG E 10 23.32 -8.64 2.69
C ARG E 10 22.32 -9.67 2.15
N ALA E 11 22.31 -10.86 2.74
CA ALA E 11 21.35 -11.87 2.31
C ALA E 11 19.92 -11.43 2.60
N ALA E 12 19.70 -10.76 3.74
CA ALA E 12 18.38 -10.22 4.04
C ALA E 12 17.98 -9.16 3.03
N LEU E 13 18.92 -8.30 2.61
CA LEU E 13 18.61 -7.31 1.59
C LEU E 13 18.24 -7.98 0.26
N GLU E 14 18.96 -9.04 -0.10
CA GLU E 14 18.62 -9.78 -1.32
C GLU E 14 17.22 -10.39 -1.22
N ARG E 15 16.88 -10.95 -0.06
CA ARG E 15 15.54 -11.49 0.15
C ARG E 15 14.48 -10.40 0.03
N SER E 16 14.75 -9.22 0.59
CA SER E 16 13.82 -8.10 0.47
C SER E 16 13.63 -7.69 -0.99
N LYS E 17 14.72 -7.65 -1.74
CA LYS E 17 14.63 -7.30 -3.16
C LYS E 17 13.80 -8.32 -3.93
N ALA E 18 13.99 -9.61 -3.62
CA ALA E 18 13.17 -10.64 -4.27
C ALA E 18 11.69 -10.47 -3.93
N ILE E 19 11.40 -10.15 -2.67
CA ILE E 19 10.02 -9.92 -2.25
C ILE E 19 9.42 -8.74 -3.01
N GLU E 20 10.20 -7.67 -3.14
CA GLU E 20 9.73 -6.49 -3.86
C GLU E 20 9.46 -6.81 -5.33
N LYS E 21 10.34 -7.61 -5.95
CA LYS E 21 10.13 -7.99 -7.33
C LYS E 21 8.86 -8.83 -7.50
N ASN E 22 8.63 -9.77 -6.57
CA ASN E 22 7.41 -10.57 -6.64
C ASN E 22 6.17 -9.70 -6.48
N LEU E 23 6.20 -8.73 -5.55
CA LEU E 23 5.07 -7.84 -5.37
C LEU E 23 4.82 -7.01 -6.62
N LYS E 24 5.88 -6.50 -7.24
CA LYS E 24 5.71 -5.71 -8.46
C LYS E 24 5.13 -6.56 -9.58
N GLU E 25 5.58 -7.81 -9.71
CA GLU E 25 5.02 -8.70 -10.73
C GLU E 25 3.54 -8.97 -10.47
N ASP E 26 3.17 -9.20 -9.21
CA ASP E 26 1.77 -9.43 -8.89
C ASP E 26 0.92 -8.20 -9.19
N GLY E 27 1.44 -7.01 -8.90
CA GLY E 27 0.71 -5.80 -9.24
C GLY E 27 0.55 -5.59 -10.73
N ILE E 28 1.60 -5.88 -11.50
CA ILE E 28 1.50 -5.79 -12.96
C ILE E 28 0.46 -6.77 -13.48
N SER E 29 0.44 -7.98 -12.92
CA SER E 29 -0.57 -8.95 -13.32
C SER E 29 -1.98 -8.47 -12.98
N ALA E 30 -2.14 -7.86 -11.81
CA ALA E 30 -3.45 -7.36 -11.40
C ALA E 30 -3.84 -6.06 -12.11
N ALA E 31 -2.91 -5.44 -12.84
CA ALA E 31 -3.24 -4.20 -13.55
C ALA E 31 -4.32 -4.43 -14.60
N LYS E 32 -4.22 -5.51 -15.38
CA LYS E 32 -5.24 -5.86 -16.36
C LYS E 32 -6.42 -6.53 -15.64
N ASP E 33 -7.31 -5.68 -15.14
CA ASP E 33 -8.44 -6.15 -14.34
C ASP E 33 -9.51 -5.07 -14.36
N VAL E 34 -10.75 -5.47 -14.63
CA VAL E 34 -11.89 -4.56 -14.57
C VAL E 34 -12.78 -5.02 -13.43
N LYS E 35 -12.84 -4.23 -12.36
CA LYS E 35 -13.60 -4.57 -11.17
C LYS E 35 -14.96 -3.89 -11.22
N LEU E 36 -16.01 -4.66 -10.96
CA LEU E 36 -17.38 -4.14 -10.95
C LEU E 36 -18.05 -4.59 -9.66
N LEU E 37 -18.95 -3.76 -9.14
CA LEU E 37 -19.68 -4.07 -7.91
C LEU E 37 -21.16 -4.25 -8.23
N LEU E 38 -21.71 -5.39 -7.86
CA LEU E 38 -23.10 -5.73 -8.17
C LEU E 38 -23.96 -5.47 -6.95
N LEU E 39 -25.02 -4.67 -7.12
CA LEU E 39 -25.94 -4.33 -6.04
C LEU E 39 -27.37 -4.44 -6.53
N GLY E 40 -28.27 -4.75 -5.60
CA GLY E 40 -29.67 -4.89 -5.93
C GLY E 40 -30.51 -4.97 -4.68
N ALA E 41 -31.83 -5.03 -4.88
CA ALA E 41 -32.75 -5.11 -3.76
C ALA E 41 -32.72 -6.49 -3.12
N GLY E 42 -32.09 -7.47 -3.76
CA GLY E 42 -32.00 -8.81 -3.25
C GLY E 42 -32.94 -9.80 -3.91
N GLU E 43 -33.98 -9.31 -4.60
CA GLU E 43 -34.92 -10.15 -5.34
C GLU E 43 -35.18 -9.58 -6.72
N SER E 44 -34.22 -8.82 -7.24
CA SER E 44 -34.32 -8.18 -8.55
C SER E 44 -33.59 -8.96 -9.63
N GLY E 45 -33.39 -10.26 -9.45
CA GLY E 45 -32.69 -11.05 -10.43
C GLY E 45 -31.19 -10.97 -10.37
N GLU E 46 -30.63 -10.66 -9.19
CA GLU E 46 -29.17 -10.62 -9.04
C GLU E 46 -28.55 -11.98 -9.33
N SER E 47 -29.15 -13.05 -8.78
CA SER E 47 -28.68 -14.39 -9.12
C SER E 47 -28.87 -14.71 -10.59
N THR E 48 -30.00 -14.28 -11.17
CA THR E 48 -30.23 -14.49 -12.59
C THR E 48 -29.19 -13.76 -13.43
N ILE E 49 -28.88 -12.51 -13.07
CA ILE E 49 -27.89 -11.76 -13.84
C ILE E 49 -26.50 -12.37 -13.66
N VAL E 50 -26.19 -12.91 -12.48
CA VAL E 50 -24.91 -13.58 -12.27
C VAL E 50 -24.83 -14.82 -13.16
N LYS E 51 -25.92 -15.59 -13.21
CA LYS E 51 -25.93 -16.78 -14.06
C LYS E 51 -25.78 -16.41 -15.53
N GLN E 52 -26.45 -15.34 -15.97
CA GLN E 52 -26.31 -14.89 -17.35
C GLN E 52 -24.88 -14.46 -17.65
N MET E 53 -24.25 -13.72 -16.74
CA MET E 53 -22.93 -13.19 -17.01
C MET E 53 -21.86 -14.28 -16.95
N LYS E 54 -22.03 -15.26 -16.08
CA LYS E 54 -21.06 -16.35 -15.99
C LYS E 54 -21.03 -17.17 -17.28
N GLY E 184 -20.80 -13.66 3.20
CA GLY E 184 -19.70 -12.75 2.93
C GLY E 184 -19.81 -12.05 1.59
N ILE E 185 -18.72 -12.10 0.81
CA ILE E 185 -18.66 -11.49 -0.50
C ILE E 185 -18.26 -12.56 -1.51
N VAL E 186 -18.90 -12.56 -2.67
CA VAL E 186 -18.66 -13.54 -3.72
C VAL E 186 -17.98 -12.86 -4.88
N GLU E 187 -16.86 -13.42 -5.34
CA GLU E 187 -16.15 -12.89 -6.48
C GLU E 187 -16.35 -13.80 -7.69
N THR E 188 -16.76 -13.21 -8.80
CA THR E 188 -16.98 -13.92 -10.04
C THR E 188 -16.00 -13.43 -11.09
N HIS E 189 -15.23 -14.34 -11.67
CA HIS E 189 -14.23 -14.01 -12.67
C HIS E 189 -14.68 -14.49 -14.04
N PHE E 190 -14.50 -13.65 -15.05
CA PHE E 190 -14.69 -14.10 -16.42
C PHE E 190 -13.89 -13.23 -17.35
N THR E 191 -13.78 -13.67 -18.60
CA THR E 191 -12.98 -12.98 -19.62
C THR E 191 -13.81 -12.83 -20.88
N PHE E 192 -14.03 -11.59 -21.29
CA PHE E 192 -14.80 -11.30 -22.49
C PHE E 192 -13.96 -10.49 -23.44
N LYS E 193 -13.92 -10.90 -24.71
CA LYS E 193 -13.06 -10.30 -25.73
C LYS E 193 -11.64 -10.36 -25.20
N ASN E 194 -11.00 -9.24 -24.87
CA ASN E 194 -9.67 -9.23 -24.29
C ASN E 194 -9.63 -8.55 -22.93
N LEU E 195 -10.73 -8.60 -22.18
CA LEU E 195 -10.83 -7.96 -20.89
C LEU E 195 -11.19 -8.98 -19.82
N HIS E 196 -10.68 -8.78 -18.61
CA HIS E 196 -10.91 -9.68 -17.49
C HIS E 196 -11.77 -8.99 -16.44
N PHE E 197 -13.03 -9.41 -16.33
CA PHE E 197 -13.99 -8.82 -15.42
C PHE E 197 -14.06 -9.60 -14.11
N ARG E 198 -14.06 -8.86 -13.01
CA ARG E 198 -14.26 -9.39 -11.67
C ARG E 198 -15.47 -8.71 -11.06
N LEU E 199 -16.55 -9.47 -10.88
CA LEU E 199 -17.77 -8.97 -10.25
C LEU E 199 -17.74 -9.28 -8.76
N PHE E 200 -18.07 -8.29 -7.95
CA PHE E 200 -18.14 -8.42 -6.50
C PHE E 200 -19.62 -8.38 -6.11
N ASP E 201 -20.16 -9.51 -5.70
CA ASP E 201 -21.53 -9.61 -5.23
C ASP E 201 -21.50 -9.57 -3.71
N VAL E 202 -22.11 -8.54 -3.14
CA VAL E 202 -22.14 -8.33 -1.70
C VAL E 202 -23.59 -8.25 -1.28
N GLY E 203 -24.18 -9.40 -0.94
CA GLY E 203 -25.56 -9.44 -0.50
C GLY E 203 -25.71 -10.18 0.81
N GLY E 204 -24.65 -10.88 1.21
CA GLY E 204 -24.65 -11.56 2.50
C GLY E 204 -24.21 -10.65 3.62
N GLN E 205 -23.64 -9.50 3.27
CA GLN E 205 -23.20 -8.51 4.25
C GLN E 205 -24.38 -7.62 4.62
N ARG E 206 -25.32 -8.21 5.35
CA ARG E 206 -26.53 -7.50 5.78
C ARG E 206 -26.23 -6.70 7.04
N SER E 207 -25.42 -5.66 6.84
CA SER E 207 -25.00 -4.78 7.92
C SER E 207 -25.00 -3.34 7.40
N GLU E 208 -24.39 -2.45 8.17
CA GLU E 208 -24.32 -1.05 7.79
C GLU E 208 -23.42 -0.89 6.57
N ARG E 209 -23.91 -0.16 5.56
CA ARG E 209 -23.15 -0.01 4.32
C ARG E 209 -21.95 0.90 4.51
N LYS E 210 -22.12 2.01 5.24
CA LYS E 210 -21.08 3.02 5.32
C LYS E 210 -19.84 2.56 6.08
N LYS E 211 -19.84 1.34 6.61
CA LYS E 211 -18.68 0.84 7.34
C LYS E 211 -17.80 -0.09 6.51
N TRP E 212 -18.29 -0.58 5.38
CA TRP E 212 -17.47 -1.39 4.49
C TRP E 212 -17.56 -1.00 3.03
N ILE E 213 -18.41 -0.04 2.64
CA ILE E 213 -18.54 0.30 1.23
C ILE E 213 -17.31 1.06 0.75
N HIS E 214 -16.58 1.71 1.66
CA HIS E 214 -15.44 2.53 1.27
C HIS E 214 -14.33 1.70 0.64
N CYS E 215 -14.33 0.39 0.87
CA CYS E 215 -13.32 -0.47 0.23
C CYS E 215 -13.56 -0.62 -1.27
N PHE E 216 -14.72 -0.19 -1.78
CA PHE E 216 -15.01 -0.24 -3.20
C PHE E 216 -14.91 1.14 -3.86
N GLU E 217 -14.05 2.02 -3.34
CA GLU E 217 -13.94 3.36 -3.91
C GLU E 217 -13.34 3.31 -5.31
N ASP E 218 -12.43 2.37 -5.56
CA ASP E 218 -11.72 2.28 -6.82
C ASP E 218 -12.42 1.38 -7.84
N VAL E 219 -13.67 1.01 -7.58
CA VAL E 219 -14.39 0.15 -8.51
C VAL E 219 -14.67 0.91 -9.80
N THR E 220 -14.63 0.20 -10.92
CA THR E 220 -14.86 0.84 -12.21
C THR E 220 -16.33 1.22 -12.38
N ALA E 221 -17.24 0.34 -11.99
CA ALA E 221 -18.66 0.61 -12.19
C ALA E 221 -19.49 -0.19 -11.20
N ILE E 222 -20.74 0.26 -11.04
CA ILE E 222 -21.73 -0.39 -10.20
C ILE E 222 -22.87 -0.87 -11.08
N ILE E 223 -23.13 -2.17 -11.03
CA ILE E 223 -24.26 -2.78 -11.73
C ILE E 223 -25.43 -2.85 -10.76
N PHE E 224 -26.43 -2.01 -10.98
CA PHE E 224 -27.59 -1.92 -10.09
C PHE E 224 -28.76 -2.63 -10.75
N CYS E 225 -29.34 -3.59 -10.03
CA CYS E 225 -30.43 -4.41 -10.55
C CYS E 225 -31.73 -3.99 -9.88
N VAL E 226 -32.76 -3.74 -10.70
CA VAL E 226 -34.10 -3.41 -10.22
C VAL E 226 -35.11 -4.27 -10.97
N ALA E 227 -36.25 -4.48 -10.33
CA ALA E 227 -37.32 -5.31 -10.89
C ALA E 227 -38.49 -4.43 -11.27
N LEU E 228 -38.76 -4.33 -12.57
CA LEU E 228 -39.91 -3.55 -13.03
C LEU E 228 -41.21 -4.20 -12.60
N SER E 229 -41.28 -5.54 -12.65
CA SER E 229 -42.50 -6.23 -12.29
C SER E 229 -42.89 -6.04 -10.83
N GLY E 230 -41.98 -5.52 -10.02
CA GLY E 230 -42.27 -5.16 -8.65
C GLY E 230 -42.84 -3.77 -8.46
N TYR E 231 -43.30 -3.12 -9.54
CA TYR E 231 -43.87 -1.79 -9.42
C TYR E 231 -45.07 -1.77 -8.49
N ASP E 232 -45.85 -2.86 -8.47
CA ASP E 232 -47.00 -2.99 -7.57
C ASP E 232 -46.84 -4.16 -6.61
N GLN E 233 -45.79 -4.97 -6.79
CA GLN E 233 -45.49 -6.08 -5.91
C GLN E 233 -44.93 -5.55 -4.60
N VAL E 234 -45.47 -6.04 -3.48
CA VAL E 234 -45.04 -5.62 -2.16
C VAL E 234 -44.75 -6.86 -1.32
N LEU E 235 -43.99 -6.67 -0.25
CA LEU E 235 -43.64 -7.74 0.67
C LEU E 235 -44.43 -7.59 1.98
N HIS E 236 -44.48 -8.70 2.73
CA HIS E 236 -45.16 -8.69 4.01
C HIS E 236 -44.45 -7.80 5.04
N GLU E 237 -43.16 -7.55 4.88
CA GLU E 237 -42.42 -6.66 5.76
C GLU E 237 -42.43 -5.22 5.28
N ASP E 238 -43.00 -4.96 4.09
CA ASP E 238 -42.95 -3.62 3.51
C ASP E 238 -43.75 -2.60 4.31
N GLU E 239 -44.92 -2.98 4.80
CA GLU E 239 -45.82 -2.04 5.51
C GLU E 239 -46.20 -0.86 4.62
N THR E 240 -46.91 -1.16 3.55
CA THR E 240 -47.51 -0.25 2.56
C THR E 240 -46.48 0.36 1.60
N THR E 241 -45.22 -0.03 1.67
CA THR E 241 -44.26 0.41 0.67
C THR E 241 -44.07 -0.69 -0.39
N ASN E 242 -43.39 -0.34 -1.48
CA ASN E 242 -43.28 -1.23 -2.63
C ASN E 242 -41.81 -1.52 -2.91
N ARG E 243 -41.56 -2.28 -3.98
CA ARG E 243 -40.20 -2.43 -4.47
C ARG E 243 -39.63 -1.08 -4.89
N MET E 244 -40.43 -0.29 -5.60
CA MET E 244 -40.09 1.11 -5.83
C MET E 244 -40.25 1.87 -4.52
N HIS E 245 -39.61 3.04 -4.44
CA HIS E 245 -39.46 3.85 -3.23
C HIS E 245 -38.60 3.11 -2.20
N GLU E 246 -38.10 1.93 -2.53
CA GLU E 246 -37.07 1.25 -1.74
C GLU E 246 -35.84 0.97 -2.58
N SER E 247 -36.02 0.61 -3.85
CA SER E 247 -34.89 0.55 -4.77
C SER E 247 -34.43 1.94 -5.19
N LEU E 248 -35.38 2.87 -5.37
CA LEU E 248 -35.00 4.24 -5.67
C LEU E 248 -34.25 4.89 -4.52
N MET E 249 -34.62 4.57 -3.28
CA MET E 249 -33.87 5.09 -2.14
C MET E 249 -32.43 4.57 -2.13
N LEU E 250 -32.23 3.29 -2.42
CA LEU E 250 -30.87 2.76 -2.52
C LEU E 250 -30.11 3.41 -3.66
N PHE E 251 -30.77 3.63 -4.79
CA PHE E 251 -30.12 4.28 -5.92
C PHE E 251 -29.70 5.70 -5.56
N ASP E 252 -30.56 6.43 -4.86
CA ASP E 252 -30.23 7.79 -4.44
C ASP E 252 -29.09 7.80 -3.44
N SER E 253 -29.08 6.85 -2.51
CA SER E 253 -27.99 6.76 -1.54
C SER E 253 -26.66 6.46 -2.22
N ILE E 254 -26.67 5.56 -3.20
CA ILE E 254 -25.44 5.20 -3.89
C ILE E 254 -24.95 6.34 -4.78
N CYS E 255 -25.87 7.00 -5.49
CA CYS E 255 -25.49 8.10 -6.36
C CYS E 255 -24.92 9.26 -5.57
N ASN E 256 -25.54 9.60 -4.44
CA ASN E 256 -25.08 10.69 -3.59
C ASN E 256 -24.06 10.23 -2.55
N ASN E 257 -23.45 9.06 -2.76
CA ASN E 257 -22.46 8.57 -1.81
C ASN E 257 -21.19 9.41 -1.88
N LYS E 258 -20.51 9.51 -0.75
CA LYS E 258 -19.28 10.30 -0.68
C LYS E 258 -18.19 9.69 -1.57
N PHE E 259 -18.07 8.37 -1.58
CA PHE E 259 -17.01 7.68 -2.30
C PHE E 259 -17.34 7.41 -3.76
N PHE E 260 -18.59 7.60 -4.18
CA PHE E 260 -19.01 7.26 -5.54
C PHE E 260 -19.47 8.49 -6.30
N ILE E 261 -18.71 9.58 -6.23
CA ILE E 261 -19.09 10.79 -6.96
C ILE E 261 -18.74 10.65 -8.44
N ASP E 262 -17.74 9.85 -8.77
CA ASP E 262 -17.30 9.70 -10.15
C ASP E 262 -17.34 8.24 -10.63
N THR E 263 -18.21 7.42 -10.04
CA THR E 263 -18.34 6.03 -10.43
C THR E 263 -19.65 5.84 -11.20
N SER E 264 -19.54 5.53 -12.48
CA SER E 264 -20.72 5.34 -13.31
C SER E 264 -21.50 4.11 -12.86
N ILE E 265 -22.81 4.12 -13.14
CA ILE E 265 -23.72 3.08 -12.70
C ILE E 265 -24.39 2.47 -13.91
N ILE E 266 -24.38 1.14 -13.99
CA ILE E 266 -25.07 0.40 -15.04
C ILE E 266 -26.37 -0.12 -14.45
N LEU E 267 -27.49 0.27 -15.05
CA LEU E 267 -28.82 -0.05 -14.53
C LEU E 267 -29.47 -1.10 -15.42
N PHE E 268 -29.97 -2.17 -14.80
CA PHE E 268 -30.67 -3.24 -15.52
C PHE E 268 -32.13 -3.26 -15.09
N LEU E 269 -33.03 -3.02 -16.03
CA LEU E 269 -34.47 -3.09 -15.78
C LEU E 269 -34.90 -4.53 -16.05
N ASN E 270 -34.76 -5.39 -15.04
CA ASN E 270 -35.04 -6.80 -15.18
C ASN E 270 -36.54 -7.06 -15.17
N LYS E 271 -36.93 -8.24 -15.64
CA LYS E 271 -38.32 -8.69 -15.64
C LYS E 271 -39.23 -7.72 -16.39
N LYS E 272 -38.83 -7.40 -17.63
CA LYS E 272 -39.65 -6.50 -18.44
C LYS E 272 -40.92 -7.18 -18.93
N ASP E 273 -40.87 -8.49 -19.18
CA ASP E 273 -42.03 -9.18 -19.74
C ASP E 273 -43.19 -9.25 -18.74
N LEU E 274 -42.91 -9.68 -17.51
CA LEU E 274 -43.97 -9.74 -16.51
C LEU E 274 -44.47 -8.35 -16.15
N PHE E 275 -43.58 -7.35 -16.16
CA PHE E 275 -44.01 -5.97 -15.95
C PHE E 275 -44.98 -5.54 -17.03
N GLY E 276 -44.67 -5.82 -18.29
CA GLY E 276 -45.57 -5.47 -19.37
C GLY E 276 -46.89 -6.20 -19.29
N GLU E 277 -46.86 -7.47 -18.86
CA GLU E 277 -48.10 -8.24 -18.74
C GLU E 277 -48.97 -7.74 -17.59
N LYS E 278 -48.36 -7.31 -16.49
CA LYS E 278 -49.14 -6.89 -15.32
C LYS E 278 -49.76 -5.51 -15.49
N ILE E 279 -49.10 -4.63 -16.25
CA ILE E 279 -49.57 -3.25 -16.37
C ILE E 279 -50.78 -3.12 -17.28
N LYS E 280 -51.30 -4.22 -17.81
CA LYS E 280 -52.57 -4.18 -18.55
C LYS E 280 -53.67 -3.66 -17.65
N LYS E 281 -53.54 -3.90 -16.34
CA LYS E 281 -54.41 -3.33 -15.33
C LYS E 281 -53.56 -2.57 -14.33
N SER E 282 -53.97 -1.34 -14.02
CA SER E 282 -53.23 -0.45 -13.13
C SER E 282 -51.80 -0.22 -13.62
N PRO E 283 -51.61 0.47 -14.75
CA PRO E 283 -50.26 0.73 -15.25
C PRO E 283 -49.61 1.88 -14.49
N LEU E 284 -48.67 1.54 -13.60
CA LEU E 284 -47.95 2.52 -12.80
C LEU E 284 -48.90 3.49 -12.10
N THR E 285 -49.92 2.95 -11.44
CA THR E 285 -50.86 3.76 -10.70
C THR E 285 -50.69 3.70 -9.20
N ILE E 286 -50.08 2.64 -8.67
CA ILE E 286 -49.88 2.51 -7.23
C ILE E 286 -48.55 3.13 -6.82
N CYS E 287 -47.47 2.76 -7.52
CA CYS E 287 -46.15 3.25 -7.17
C CYS E 287 -45.94 4.72 -7.51
N PHE E 288 -46.47 5.17 -8.64
CA PHE E 288 -46.32 6.55 -9.09
C PHE E 288 -47.71 7.14 -9.38
N PRO E 289 -48.36 7.69 -8.36
CA PRO E 289 -49.68 8.30 -8.57
C PRO E 289 -49.66 9.46 -9.55
N GLU E 290 -48.52 10.15 -9.68
CA GLU E 290 -48.43 11.34 -10.52
C GLU E 290 -48.23 11.03 -11.99
N TYR E 291 -48.04 9.76 -12.37
CA TYR E 291 -47.82 9.42 -13.75
C TYR E 291 -49.09 9.60 -14.57
N THR E 292 -48.95 10.13 -15.77
CA THR E 292 -50.05 10.30 -16.71
C THR E 292 -49.58 9.99 -18.12
N GLY E 293 -50.12 8.93 -18.70
CA GLY E 293 -49.72 8.51 -20.03
C GLY E 293 -50.39 7.23 -20.46
N PRO E 294 -50.05 6.75 -21.66
CA PRO E 294 -50.69 5.54 -22.20
C PRO E 294 -50.36 4.31 -21.36
N ASN E 295 -51.29 3.36 -21.36
CA ASN E 295 -51.12 2.10 -20.62
C ASN E 295 -50.29 1.13 -21.45
N THR E 296 -49.14 1.63 -21.89
CA THR E 296 -48.21 0.86 -22.71
C THR E 296 -46.91 0.63 -21.95
N TYR E 297 -46.26 -0.48 -22.27
CA TYR E 297 -45.00 -0.81 -21.61
C TYR E 297 -43.94 0.24 -21.89
N GLU E 298 -43.93 0.78 -23.11
CA GLU E 298 -42.87 1.71 -23.50
C GLU E 298 -42.87 2.97 -22.63
N ASP E 299 -44.02 3.63 -22.53
CA ASP E 299 -44.08 4.89 -21.78
C ASP E 299 -43.90 4.68 -20.28
N ALA E 300 -44.47 3.62 -19.71
CA ALA E 300 -44.26 3.35 -18.30
C ALA E 300 -42.80 3.07 -17.99
N ALA E 301 -42.15 2.24 -18.82
CA ALA E 301 -40.73 2.00 -18.64
C ALA E 301 -39.93 3.28 -18.81
N ALA E 302 -40.32 4.13 -19.76
CA ALA E 302 -39.62 5.39 -19.95
C ALA E 302 -39.74 6.28 -18.72
N TYR E 303 -40.92 6.34 -18.12
CA TYR E 303 -41.10 7.17 -16.93
C TYR E 303 -40.28 6.65 -15.76
N ILE E 304 -40.28 5.32 -15.57
CA ILE E 304 -39.48 4.74 -14.49
C ILE E 304 -37.99 4.99 -14.73
N GLN E 305 -37.54 4.83 -15.98
CA GLN E 305 -36.14 5.07 -16.30
C GLN E 305 -35.77 6.53 -16.10
N ALA E 306 -36.68 7.45 -16.43
CA ALA E 306 -36.42 8.86 -16.18
C ALA E 306 -36.33 9.15 -14.70
N GLN E 307 -37.19 8.53 -13.89
CA GLN E 307 -37.09 8.69 -12.45
C GLN E 307 -35.76 8.17 -11.93
N PHE E 308 -35.29 7.04 -12.46
CA PHE E 308 -33.99 6.51 -12.04
C PHE E 308 -32.84 7.43 -12.48
N GLU E 309 -32.91 7.98 -13.69
CA GLU E 309 -31.82 8.80 -14.20
C GLU E 309 -31.83 10.19 -13.58
N SER E 310 -32.95 10.62 -13.00
CA SER E 310 -33.01 11.94 -12.40
C SER E 310 -32.34 12.02 -11.04
N LYS E 311 -31.76 10.92 -10.56
CA LYS E 311 -31.07 10.89 -9.28
C LYS E 311 -29.59 11.26 -9.39
N ASN E 312 -29.06 11.43 -10.59
CA ASN E 312 -27.64 11.70 -10.80
C ASN E 312 -27.43 13.22 -10.79
N ARG E 313 -26.56 13.68 -9.90
CA ARG E 313 -26.27 15.10 -9.76
C ARG E 313 -24.81 15.44 -10.04
N SER E 314 -24.03 14.47 -10.51
CA SER E 314 -22.62 14.70 -10.79
C SER E 314 -22.39 14.74 -12.29
N PRO E 315 -21.78 15.82 -12.81
CA PRO E 315 -21.55 15.89 -14.26
C PRO E 315 -20.61 14.83 -14.79
N ASN E 316 -19.76 14.24 -13.94
CA ASN E 316 -18.80 13.24 -14.36
C ASN E 316 -19.33 11.81 -14.20
N LYS E 317 -20.59 11.66 -13.81
CA LYS E 317 -21.18 10.35 -13.59
C LYS E 317 -22.36 10.15 -14.54
N GLU E 318 -22.40 8.98 -15.16
CA GLU E 318 -23.43 8.65 -16.14
C GLU E 318 -24.11 7.35 -15.73
N ILE E 319 -25.34 7.18 -16.21
CA ILE E 319 -26.16 6.00 -15.90
C ILE E 319 -26.55 5.34 -17.22
N TYR E 320 -26.16 4.09 -17.40
CA TYR E 320 -26.51 3.31 -18.58
C TYR E 320 -27.65 2.36 -18.25
N CYS E 321 -28.71 2.42 -19.05
CA CYS E 321 -29.94 1.69 -18.77
C CYS E 321 -30.13 0.59 -19.79
N HIS E 322 -30.83 -0.46 -19.38
CA HIS E 322 -31.06 -1.61 -20.25
C HIS E 322 -32.26 -2.38 -19.73
N MET E 323 -33.11 -2.84 -20.64
CA MET E 323 -34.28 -3.64 -20.32
C MET E 323 -34.04 -5.08 -20.75
N THR E 324 -33.96 -5.98 -19.78
CA THR E 324 -33.57 -7.36 -20.03
C THR E 324 -34.67 -8.30 -19.57
N CYS E 325 -34.52 -9.57 -19.94
CA CYS E 325 -35.44 -10.63 -19.54
C CYS E 325 -34.66 -11.93 -19.50
N ALA E 326 -35.30 -12.98 -18.98
CA ALA E 326 -34.64 -14.27 -18.85
C ALA E 326 -34.32 -14.86 -20.21
N THR E 327 -35.08 -14.50 -21.24
CA THR E 327 -34.89 -15.03 -22.59
C THR E 327 -33.93 -14.21 -23.44
N ASP E 328 -33.38 -13.13 -22.89
CA ASP E 328 -32.41 -12.28 -23.59
C ASP E 328 -31.09 -12.40 -22.86
N THR E 329 -30.20 -13.24 -23.37
CA THR E 329 -28.94 -13.57 -22.72
C THR E 329 -27.75 -12.80 -23.29
N ASN E 330 -27.98 -11.83 -24.16
CA ASN E 330 -26.89 -11.01 -24.71
C ASN E 330 -26.72 -9.76 -23.84
N ASN E 331 -26.58 -9.99 -22.54
CA ASN E 331 -26.43 -8.91 -21.57
C ASN E 331 -24.98 -8.67 -21.16
N ILE E 332 -24.02 -9.42 -21.70
CA ILE E 332 -22.63 -9.21 -21.32
C ILE E 332 -21.95 -8.22 -22.27
N GLN E 333 -22.37 -8.20 -23.53
CA GLN E 333 -21.86 -7.21 -24.47
C GLN E 333 -22.25 -5.80 -24.05
N VAL E 334 -23.44 -5.64 -23.46
CA VAL E 334 -23.85 -4.33 -22.98
C VAL E 334 -22.91 -3.85 -21.88
N VAL E 335 -22.57 -4.74 -20.94
CA VAL E 335 -21.64 -4.38 -19.88
C VAL E 335 -20.27 -4.06 -20.45
N PHE E 336 -19.83 -4.84 -21.45
CA PHE E 336 -18.52 -4.57 -22.08
C PHE E 336 -18.50 -3.18 -22.71
N ASP E 337 -19.54 -2.84 -23.47
CA ASP E 337 -19.60 -1.53 -24.11
C ASP E 337 -19.68 -0.41 -23.10
N ALA E 338 -20.47 -0.60 -22.02
CA ALA E 338 -20.56 0.42 -20.99
C ALA E 338 -19.21 0.64 -20.31
N VAL E 339 -18.50 -0.44 -20.00
CA VAL E 339 -17.19 -0.31 -19.37
C VAL E 339 -16.22 0.40 -20.30
N THR E 340 -16.27 0.08 -21.61
CA THR E 340 -15.40 0.76 -22.56
C THR E 340 -15.70 2.25 -22.61
N ASP E 341 -16.98 2.62 -22.61
CA ASP E 341 -17.34 4.04 -22.62
C ASP E 341 -16.86 4.74 -21.36
N ILE E 342 -17.01 4.09 -20.20
CA ILE E 342 -16.55 4.69 -18.94
C ILE E 342 -15.04 4.91 -18.98
N ILE E 343 -14.30 3.91 -19.47
CA ILE E 343 -12.84 4.02 -19.53
C ILE E 343 -12.42 5.14 -20.47
N ILE E 344 -13.07 5.23 -21.64
CA ILE E 344 -12.72 6.29 -22.59
C ILE E 344 -13.04 7.66 -21.99
N ALA E 345 -14.17 7.79 -21.30
CA ALA E 345 -14.52 9.06 -20.70
C ALA E 345 -13.52 9.47 -19.62
N ASN E 346 -13.11 8.52 -18.78
CA ASN E 346 -12.12 8.83 -17.75
C ASN E 346 -10.76 9.20 -18.37
N ASN E 347 -10.36 8.49 -19.43
CA ASN E 347 -9.12 8.83 -20.10
C ASN E 347 -9.17 10.23 -20.70
N LEU E 348 -10.31 10.59 -21.31
CA LEU E 348 -10.43 11.92 -21.90
C LEU E 348 -10.45 13.00 -20.83
N ARG E 349 -11.07 12.73 -19.69
CA ARG E 349 -10.99 13.67 -18.58
C ARG E 349 -9.56 13.83 -18.09
N GLY E 350 -8.81 12.73 -18.05
CA GLY E 350 -7.41 12.81 -17.63
C GLY E 350 -6.56 13.60 -18.60
N CYS E 351 -6.79 13.42 -19.91
CA CYS E 351 -6.00 14.13 -20.91
C CYS E 351 -6.41 15.60 -21.03
N GLY E 352 -7.54 15.97 -20.45
CA GLY E 352 -8.00 17.34 -20.53
C GLY E 352 -8.59 17.73 -21.86
N LEU E 353 -8.82 16.76 -22.76
CA LEU E 353 -9.43 17.05 -24.04
C LEU E 353 -10.90 17.44 -23.91
N TYR E 354 -11.52 17.19 -22.76
CA TYR E 354 -12.89 17.61 -22.55
C TYR E 354 -12.95 19.09 -22.18
#